data_5T56
#
_entry.id   5T56
#
loop_
_entity.id
_entity.type
_entity.pdbx_description
1 polymer 'Microcin J25'
2 polymer 'Microcin J25'
#
loop_
_entity_poly.entity_id
_entity_poly.type
_entity_poly.pdbx_seq_one_letter_code
_entity_poly.pdbx_strand_id
1 'polypeptide(L)' GGAGHVPEYFVR A,C
2 'polypeptide(L)' CGTPISFYC B,D
#
# COMPACT_ATOMS: atom_id res chain seq x y z
N GLY A 1 1.65 1.48 -9.37
CA GLY A 1 0.24 1.17 -9.18
C GLY A 1 -0.07 -0.27 -8.83
N GLY A 2 0.93 -1.12 -8.56
CA GLY A 2 0.78 -2.54 -8.34
C GLY A 2 1.27 -3.04 -6.98
N ALA A 3 1.47 -4.36 -6.90
CA ALA A 3 2.28 -4.95 -5.86
C ALA A 3 3.75 -4.63 -6.04
N GLY A 4 4.61 -5.09 -5.11
CA GLY A 4 6.03 -4.83 -5.05
C GLY A 4 6.55 -4.36 -3.70
N HIS A 5 7.82 -3.96 -3.68
CA HIS A 5 8.53 -3.45 -2.52
C HIS A 5 9.25 -2.13 -2.71
N VAL A 6 9.01 -1.42 -3.82
CA VAL A 6 9.39 -0.04 -4.05
C VAL A 6 8.20 0.83 -4.40
N PRO A 7 8.16 2.08 -3.95
CA PRO A 7 6.95 2.88 -3.96
C PRO A 7 6.59 3.41 -5.34
N GLU A 8 5.30 3.33 -5.71
CA GLU A 8 4.70 3.81 -6.95
C GLU A 8 3.56 4.79 -6.70
N TYR A 9 2.75 4.60 -5.66
CA TYR A 9 1.85 5.61 -5.14
C TYR A 9 2.29 6.07 -3.76
N PHE A 10 3.22 7.04 -3.71
CA PHE A 10 3.70 7.66 -2.49
C PHE A 10 2.61 8.50 -1.83
N VAL A 11 2.92 9.13 -0.70
CA VAL A 11 2.06 10.16 -0.15
C VAL A 11 1.86 11.28 -1.16
N ARG A 12 0.63 11.78 -1.31
CA ARG A 12 0.24 12.70 -2.36
C ARG A 12 -0.50 13.95 -1.90
N CYS B 1 -2.29 9.66 9.28
CA CYS B 1 -2.21 8.66 8.19
C CYS B 1 -1.37 9.31 7.09
N GLY B 2 -0.17 8.80 6.78
CA GLY B 2 0.75 9.34 5.81
C GLY B 2 1.64 8.33 5.11
N THR B 3 1.28 7.04 5.15
CA THR B 3 2.08 5.96 4.60
C THR B 3 2.06 6.04 3.08
N PRO B 4 3.18 5.79 2.38
CA PRO B 4 3.19 5.61 0.94
C PRO B 4 2.64 4.21 0.65
N ILE B 5 1.83 4.03 -0.39
CA ILE B 5 0.98 2.86 -0.55
C ILE B 5 1.39 1.89 -1.64
N SER B 6 0.87 1.93 -2.88
CA SER B 6 1.11 0.94 -3.90
C SER B 6 2.53 1.00 -4.44
N PHE B 7 2.98 -0.08 -5.07
CA PHE B 7 4.37 -0.31 -5.39
C PHE B 7 4.60 -0.56 -6.88
N TYR B 8 5.86 -0.75 -7.27
CA TYR B 8 6.22 -1.40 -8.50
C TYR B 8 6.78 -2.78 -8.21
N CYS B 9 6.35 -3.81 -8.94
CA CYS B 9 6.95 -5.13 -8.96
C CYS B 9 8.30 -5.15 -9.67
N GLY C 1 -10.48 0.19 3.30
CA GLY C 1 -11.12 1.38 2.76
C GLY C 1 -10.30 2.55 2.25
N GLY C 2 -8.97 2.48 2.16
CA GLY C 2 -8.13 3.56 1.67
C GLY C 2 -6.65 3.22 1.70
N ALA C 3 -5.87 3.99 2.47
CA ALA C 3 -4.43 4.06 2.38
C ALA C 3 -3.73 4.21 3.73
N GLY C 4 -4.37 3.79 4.83
CA GLY C 4 -4.02 4.01 6.21
C GLY C 4 -2.83 3.23 6.78
N HIS C 5 -2.65 3.44 8.08
CA HIS C 5 -1.69 2.83 8.97
C HIS C 5 -2.09 1.46 9.51
N VAL C 6 -3.34 1.02 9.39
CA VAL C 6 -3.77 -0.34 9.62
C VAL C 6 -4.31 -0.95 8.34
N PRO C 7 -4.27 -2.26 8.12
CA PRO C 7 -4.60 -2.87 6.84
C PRO C 7 -6.08 -2.81 6.50
N GLU C 8 -6.40 -3.21 5.26
CA GLU C 8 -7.74 -3.35 4.72
C GLU C 8 -7.81 -4.56 3.79
N TYR C 9 -7.00 -4.53 2.72
CA TYR C 9 -6.71 -5.64 1.83
C TYR C 9 -5.27 -6.09 2.01
N PHE C 10 -5.07 -7.17 2.78
CA PHE C 10 -3.78 -7.61 3.25
C PHE C 10 -3.06 -8.58 2.33
N VAL C 11 -3.51 -9.83 2.24
CA VAL C 11 -3.05 -10.81 1.27
C VAL C 11 -4.22 -11.48 0.56
N ARG C 12 -3.97 -12.47 -0.30
CA ARG C 12 -4.94 -13.18 -1.12
C ARG C 12 -4.70 -14.68 -1.08
N CYS D 1 6.61 -9.94 -4.71
CA CYS D 1 5.36 -9.18 -4.61
C CYS D 1 4.33 -9.97 -3.82
N GLY D 2 3.63 -9.37 -2.85
CA GLY D 2 2.69 -10.00 -1.96
C GLY D 2 2.67 -9.35 -0.59
N THR D 3 2.05 -8.17 -0.49
CA THR D 3 2.01 -7.29 0.66
C THR D 3 0.62 -6.67 0.75
N PRO D 4 0.17 -6.17 1.91
CA PRO D 4 -0.91 -5.19 1.96
C PRO D 4 -0.63 -4.00 1.05
N ILE D 5 -1.62 -3.60 0.26
CA ILE D 5 -1.50 -2.54 -0.71
C ILE D 5 -2.55 -1.44 -0.57
N SER D 6 -3.85 -1.75 -0.47
CA SER D 6 -4.85 -0.85 0.06
C SER D 6 -5.02 -1.06 1.56
N PHE D 7 -5.03 0.00 2.37
CA PHE D 7 -5.09 0.02 3.82
C PHE D 7 -6.38 0.68 4.31
N TYR D 8 -6.54 1.03 5.59
CA TYR D 8 -7.82 1.42 6.15
C TYR D 8 -8.14 2.90 5.98
N CYS D 9 -7.49 3.80 6.72
CA CYS D 9 -7.63 5.24 6.74
C CYS D 9 -7.56 5.88 5.36
N GLY A 1 2.09 0.84 -8.89
CA GLY A 1 0.94 0.13 -9.43
C GLY A 1 0.51 -1.20 -8.83
N GLY A 2 1.28 -1.88 -7.97
CA GLY A 2 0.94 -3.17 -7.42
C GLY A 2 1.48 -3.43 -6.01
N ALA A 3 1.56 -4.71 -5.63
CA ALA A 3 2.41 -5.15 -4.54
C ALA A 3 3.89 -5.04 -4.87
N GLY A 4 4.80 -5.45 -3.98
CA GLY A 4 6.21 -5.59 -4.24
C GLY A 4 7.10 -4.72 -3.35
N HIS A 5 8.16 -4.20 -3.97
CA HIS A 5 9.43 -4.00 -3.30
C HIS A 5 9.91 -2.57 -3.08
N VAL A 6 9.27 -1.60 -3.72
CA VAL A 6 9.55 -0.17 -3.56
C VAL A 6 8.33 0.66 -3.93
N PRO A 7 8.12 1.85 -3.35
CA PRO A 7 6.83 2.52 -3.43
C PRO A 7 6.56 3.18 -4.78
N GLU A 8 5.50 2.78 -5.48
CA GLU A 8 4.98 3.39 -6.69
C GLU A 8 4.15 4.63 -6.41
N TYR A 9 3.35 4.61 -5.35
CA TYR A 9 2.52 5.71 -4.93
C TYR A 9 2.61 5.96 -3.43
N PHE A 10 3.49 6.85 -2.99
CA PHE A 10 3.39 7.53 -1.72
C PHE A 10 2.08 8.30 -1.54
N VAL A 11 1.84 8.85 -0.35
CA VAL A 11 0.85 9.87 -0.11
C VAL A 11 1.01 11.05 -1.06
N ARG A 12 0.02 11.19 -1.94
CA ARG A 12 0.12 12.07 -3.09
C ARG A 12 0.54 13.50 -2.81
N CYS B 1 -1.70 9.70 8.68
CA CYS B 1 -1.73 8.81 7.50
C CYS B 1 -0.88 9.39 6.39
N GLY B 2 0.31 8.81 6.20
CA GLY B 2 1.26 9.12 5.15
C GLY B 2 1.85 7.93 4.41
N THR B 3 1.28 6.74 4.57
CA THR B 3 1.74 5.46 4.06
C THR B 3 1.70 5.41 2.54
N PRO B 4 2.70 4.83 1.87
CA PRO B 4 2.60 4.51 0.46
C PRO B 4 1.59 3.40 0.21
N ILE B 5 0.55 3.71 -0.57
CA ILE B 5 -0.58 2.87 -0.88
C ILE B 5 -0.22 1.83 -1.92
N SER B 6 0.78 2.05 -2.78
CA SER B 6 1.11 1.06 -3.80
C SER B 6 2.59 1.07 -4.17
N PHE B 7 3.05 -0.02 -4.79
CA PHE B 7 4.44 -0.39 -4.96
C PHE B 7 4.72 -0.76 -6.41
N TYR B 8 6.00 -0.85 -6.78
CA TYR B 8 6.46 -1.52 -7.96
C TYR B 8 6.81 -2.97 -7.63
N CYS B 9 6.75 -3.83 -8.65
CA CYS B 9 6.93 -5.26 -8.55
C CYS B 9 8.02 -5.77 -9.49
N GLY C 1 -9.88 -0.41 3.16
CA GLY C 1 -10.50 0.51 2.22
C GLY C 1 -10.17 1.94 2.58
N GLY C 2 -9.07 2.47 2.02
CA GLY C 2 -8.51 3.73 2.46
C GLY C 2 -7.00 3.75 2.37
N ALA C 3 -6.40 4.85 2.83
CA ALA C 3 -5.01 5.23 2.66
C ALA C 3 -4.40 5.75 3.95
N GLY C 4 -3.88 4.83 4.78
CA GLY C 4 -3.38 5.12 6.11
C GLY C 4 -2.57 4.00 6.73
N HIS C 5 -2.49 4.04 8.07
CA HIS C 5 -1.37 3.49 8.81
C HIS C 5 -1.37 1.99 9.08
N VAL C 6 -2.48 1.29 8.82
CA VAL C 6 -2.62 -0.14 9.04
C VAL C 6 -3.35 -0.81 7.88
N PRO C 7 -3.24 -2.12 7.63
CA PRO C 7 -3.76 -2.68 6.40
C PRO C 7 -5.28 -2.81 6.35
N GLU C 8 -5.80 -3.04 5.15
CA GLU C 8 -7.15 -3.52 4.89
C GLU C 8 -7.02 -4.76 4.01
N TYR C 9 -6.45 -4.59 2.82
CA TYR C 9 -6.23 -5.63 1.83
C TYR C 9 -4.76 -6.01 1.77
N PHE C 10 -4.47 -7.31 1.86
CA PHE C 10 -3.14 -7.91 1.91
C PHE C 10 -2.77 -8.84 0.77
N VAL C 11 -3.77 -9.39 0.08
CA VAL C 11 -3.62 -10.34 -1.01
C VAL C 11 -4.60 -9.98 -2.11
N ARG C 12 -4.08 -9.86 -3.34
CA ARG C 12 -4.83 -9.75 -4.58
C ARG C 12 -4.36 -10.81 -5.58
N CYS D 1 5.76 -10.65 -5.00
CA CYS D 1 5.09 -9.38 -4.69
C CYS D 1 3.84 -9.62 -3.85
N GLY D 2 3.98 -9.60 -2.52
CA GLY D 2 2.99 -9.96 -1.53
C GLY D 2 2.87 -8.95 -0.40
N THR D 3 2.01 -7.94 -0.60
CA THR D 3 2.09 -6.66 0.06
C THR D 3 0.70 -6.09 0.26
N PRO D 4 0.34 -5.42 1.35
CA PRO D 4 -0.92 -4.70 1.45
C PRO D 4 -0.93 -3.41 0.64
N ILE D 5 -2.08 -3.12 0.04
CA ILE D 5 -2.30 -1.94 -0.76
C ILE D 5 -3.38 -1.07 -0.12
N SER D 6 -4.65 -1.48 -0.14
CA SER D 6 -5.63 -0.73 0.62
C SER D 6 -5.49 -0.90 2.13
N PHE D 7 -5.80 0.16 2.88
CA PHE D 7 -5.48 0.39 4.29
C PHE D 7 -6.71 0.84 5.06
N TYR D 8 -6.64 0.90 6.39
CA TYR D 8 -7.43 1.79 7.20
C TYR D 8 -6.76 3.14 7.35
N CYS D 9 -7.48 4.19 7.75
CA CYS D 9 -6.96 5.47 8.19
C CYS D 9 -7.82 6.11 9.27
N GLY A 1 1.91 0.99 -8.87
CA GLY A 1 0.66 0.31 -9.16
C GLY A 1 0.53 -1.18 -8.86
N GLY A 2 1.62 -1.91 -8.59
CA GLY A 2 1.64 -3.29 -8.17
C GLY A 2 1.70 -3.54 -6.67
N ALA A 3 2.00 -4.77 -6.25
CA ALA A 3 2.04 -5.25 -4.89
C ALA A 3 3.41 -5.79 -4.45
N GLY A 4 4.46 -5.36 -5.15
CA GLY A 4 5.88 -5.47 -4.84
C GLY A 4 6.33 -4.69 -3.61
N HIS A 5 7.63 -4.39 -3.64
CA HIS A 5 8.45 -4.09 -2.47
C HIS A 5 9.15 -2.74 -2.48
N VAL A 6 9.02 -1.91 -3.51
CA VAL A 6 9.33 -0.49 -3.53
C VAL A 6 8.16 0.35 -4.01
N PRO A 7 7.93 1.54 -3.46
CA PRO A 7 6.65 2.21 -3.59
C PRO A 7 6.42 2.93 -4.91
N GLU A 8 5.20 2.82 -5.45
CA GLU A 8 4.75 3.46 -6.66
C GLU A 8 3.87 4.66 -6.38
N TYR A 9 2.96 4.58 -5.41
CA TYR A 9 2.02 5.64 -5.09
C TYR A 9 1.92 5.96 -3.61
N PHE A 10 2.72 6.92 -3.13
CA PHE A 10 2.58 7.51 -1.81
C PHE A 10 1.22 8.15 -1.58
N VAL A 11 0.60 8.71 -2.63
CA VAL A 11 -0.60 9.52 -2.58
C VAL A 11 -1.75 8.87 -3.33
N ARG A 12 -3.00 9.06 -2.88
CA ARG A 12 -4.16 8.65 -3.65
C ARG A 12 -4.80 9.75 -4.46
N CYS B 1 -2.51 10.64 8.44
CA CYS B 1 -2.58 9.53 7.48
C CYS B 1 -1.83 9.91 6.21
N GLY B 2 -1.00 8.99 5.69
CA GLY B 2 -0.22 9.27 4.50
C GLY B 2 0.82 8.18 4.24
N THR B 3 0.47 7.15 3.45
CA THR B 3 1.19 5.90 3.31
C THR B 3 1.09 5.38 1.89
N PRO B 4 2.16 4.79 1.33
CA PRO B 4 2.18 4.19 0.01
C PRO B 4 1.31 2.94 -0.08
N ILE B 5 0.10 3.07 -0.64
CA ILE B 5 -0.87 2.01 -0.85
C ILE B 5 -0.34 1.02 -1.88
N SER B 6 0.44 1.45 -2.88
CA SER B 6 0.78 0.71 -4.08
C SER B 6 2.29 0.75 -4.29
N PHE B 7 2.82 -0.38 -4.77
CA PHE B 7 4.24 -0.64 -4.99
C PHE B 7 4.48 -0.83 -6.49
N TYR B 8 5.71 -1.11 -6.90
CA TYR B 8 6.04 -1.71 -8.18
C TYR B 8 5.79 -3.22 -8.16
N CYS B 9 6.44 -3.98 -9.03
CA CYS B 9 6.76 -5.37 -8.78
C CYS B 9 8.18 -5.68 -9.22
N GLY C 1 -9.30 0.01 2.49
CA GLY C 1 -9.64 0.97 1.46
C GLY C 1 -9.11 2.38 1.65
N GLY C 2 -8.09 2.80 0.90
CA GLY C 2 -7.44 4.09 0.98
C GLY C 2 -6.16 4.18 1.80
N ALA C 3 -5.73 5.40 2.12
CA ALA C 3 -4.58 5.70 2.95
C ALA C 3 -4.86 5.37 4.41
N GLY C 4 -3.85 5.44 5.29
CA GLY C 4 -4.01 5.17 6.71
C GLY C 4 -2.86 4.40 7.35
N HIS C 5 -3.09 3.83 8.53
CA HIS C 5 -2.03 3.30 9.36
C HIS C 5 -1.86 1.79 9.23
N VAL C 6 -2.97 1.04 9.35
CA VAL C 6 -3.07 -0.40 9.49
C VAL C 6 -3.83 -1.02 8.33
N PRO C 7 -3.44 -2.18 7.81
CA PRO C 7 -3.85 -2.67 6.50
C PRO C 7 -5.28 -3.19 6.44
N GLU C 8 -5.99 -2.73 5.41
CA GLU C 8 -7.30 -3.16 4.98
C GLU C 8 -7.30 -4.52 4.30
N TYR C 9 -6.17 -4.89 3.69
CA TYR C 9 -5.93 -6.12 2.98
C TYR C 9 -4.46 -6.52 3.01
N PHE C 10 -4.15 -7.82 3.01
CA PHE C 10 -2.82 -8.38 3.10
C PHE C 10 -2.39 -9.08 1.81
N VAL C 11 -3.32 -9.77 1.14
CA VAL C 11 -3.09 -10.64 0.00
C VAL C 11 -4.30 -10.71 -0.90
N ARG C 12 -4.18 -11.39 -2.05
CA ARG C 12 -5.25 -11.85 -2.91
C ARG C 12 -5.06 -13.32 -3.24
N CYS D 1 6.60 -10.61 -5.00
CA CYS D 1 5.60 -9.54 -4.95
C CYS D 1 4.40 -9.99 -4.14
N GLY D 2 4.40 -9.66 -2.84
CA GLY D 2 3.44 -10.04 -1.81
C GLY D 2 3.60 -9.14 -0.60
N THR D 3 3.01 -7.95 -0.65
CA THR D 3 3.04 -6.94 0.40
C THR D 3 1.62 -6.48 0.70
N PRO D 4 1.28 -6.06 1.93
CA PRO D 4 0.00 -5.47 2.27
C PRO D 4 -0.23 -4.14 1.55
N ILE D 5 -1.49 -3.82 1.26
CA ILE D 5 -1.89 -2.84 0.27
C ILE D 5 -2.54 -1.61 0.88
N SER D 6 -3.87 -1.45 0.81
CA SER D 6 -4.60 -0.36 1.39
C SER D 6 -4.67 -0.38 2.91
N PHE D 7 -5.20 0.70 3.48
CA PHE D 7 -5.42 0.97 4.88
C PHE D 7 -6.82 1.54 5.09
N TYR D 8 -7.16 2.01 6.29
CA TYR D 8 -8.46 2.58 6.56
C TYR D 8 -8.46 4.07 6.85
N CYS D 9 -7.52 4.50 7.69
CA CYS D 9 -7.33 5.80 8.31
C CYS D 9 -8.33 6.13 9.40
N GLY A 1 2.81 -0.02 -9.65
CA GLY A 1 2.12 -0.87 -10.59
C GLY A 1 1.68 -2.26 -10.16
N GLY A 2 1.65 -2.54 -8.85
CA GLY A 2 1.43 -3.85 -8.28
C GLY A 2 1.46 -3.86 -6.76
N ALA A 3 1.92 -4.97 -6.19
CA ALA A 3 1.95 -5.29 -4.77
C ALA A 3 3.25 -5.99 -4.41
N GLY A 4 4.35 -5.23 -4.53
CA GLY A 4 5.73 -5.61 -4.33
C GLY A 4 6.40 -4.86 -3.19
N HIS A 5 7.73 -4.74 -3.30
CA HIS A 5 8.63 -4.44 -2.20
C HIS A 5 9.14 -3.00 -2.11
N VAL A 6 8.90 -2.16 -3.13
CA VAL A 6 9.13 -0.73 -3.13
C VAL A 6 7.86 -0.05 -3.63
N PRO A 7 7.62 1.20 -3.23
CA PRO A 7 6.36 1.87 -3.51
C PRO A 7 6.22 2.34 -4.94
N GLU A 8 4.99 2.43 -5.45
CA GLU A 8 4.63 2.92 -6.77
C GLU A 8 3.67 4.11 -6.71
N TYR A 9 2.66 4.05 -5.85
CA TYR A 9 1.63 5.07 -5.73
C TYR A 9 1.54 5.51 -4.28
N PHE A 10 1.88 6.77 -3.99
CA PHE A 10 2.08 7.31 -2.67
C PHE A 10 0.98 8.26 -2.22
N VAL A 11 1.14 9.00 -1.12
CA VAL A 11 0.31 10.11 -0.71
C VAL A 11 0.44 11.26 -1.71
N ARG A 12 -0.48 11.31 -2.67
CA ARG A 12 -0.40 12.14 -3.86
C ARG A 12 -0.32 13.64 -3.58
N CYS B 1 -2.97 10.40 7.65
CA CYS B 1 -2.53 9.25 6.84
C CYS B 1 -1.56 9.68 5.75
N GLY B 2 -0.46 8.92 5.56
CA GLY B 2 0.57 9.20 4.58
C GLY B 2 1.20 7.93 4.02
N THR B 3 0.71 7.47 2.86
CA THR B 3 0.60 6.05 2.61
C THR B 3 1.23 5.66 1.28
N PRO B 4 2.14 4.69 1.17
CA PRO B 4 2.33 3.93 -0.06
C PRO B 4 1.14 3.00 -0.27
N ILE B 5 0.23 3.33 -1.19
CA ILE B 5 -0.89 2.48 -1.52
C ILE B 5 -0.44 1.29 -2.37
N SER B 6 -0.16 1.51 -3.65
CA SER B 6 0.39 0.49 -4.53
C SER B 6 1.90 0.47 -4.40
N PHE B 7 2.45 -0.71 -4.69
CA PHE B 7 3.87 -1.00 -4.74
C PHE B 7 4.24 -1.49 -6.13
N TYR B 8 5.49 -1.90 -6.37
CA TYR B 8 6.00 -2.17 -7.69
C TYR B 8 5.54 -3.51 -8.24
N CYS B 9 6.10 -4.63 -7.75
CA CYS B 9 5.94 -5.94 -8.37
C CYS B 9 4.52 -6.41 -8.61
N GLY C 1 -10.48 -0.17 2.79
CA GLY C 1 -11.02 0.51 1.63
C GLY C 1 -10.27 1.69 1.06
N GLY C 2 -9.07 2.00 1.56
CA GLY C 2 -8.33 3.16 1.09
C GLY C 2 -6.82 3.16 1.33
N ALA C 3 -6.25 4.36 1.39
CA ALA C 3 -4.97 4.64 2.01
C ALA C 3 -5.07 4.51 3.52
N GLY C 4 -4.00 4.72 4.29
CA GLY C 4 -3.93 4.45 5.71
C GLY C 4 -2.59 3.97 6.25
N HIS C 5 -2.67 3.39 7.44
CA HIS C 5 -1.52 2.91 8.19
C HIS C 5 -1.76 1.56 8.87
N VAL C 6 -2.99 1.07 9.00
CA VAL C 6 -3.32 -0.29 9.34
C VAL C 6 -4.09 -0.96 8.21
N PRO C 7 -3.73 -2.19 7.80
CA PRO C 7 -4.18 -2.79 6.57
C PRO C 7 -5.65 -3.20 6.60
N GLU C 8 -6.23 -3.21 5.39
CA GLU C 8 -7.62 -3.49 5.05
C GLU C 8 -7.70 -4.62 4.02
N TYR C 9 -6.75 -4.73 3.10
CA TYR C 9 -6.72 -5.70 2.03
C TYR C 9 -5.30 -6.15 1.76
N PHE C 10 -4.98 -7.42 2.06
CA PHE C 10 -3.63 -7.91 1.95
C PHE C 10 -3.32 -8.37 0.53
N VAL C 11 -3.90 -9.50 0.10
CA VAL C 11 -3.65 -10.11 -1.19
C VAL C 11 -4.93 -10.37 -1.96
N ARG C 12 -4.82 -10.22 -3.28
CA ARG C 12 -5.85 -10.58 -4.25
C ARG C 12 -5.92 -12.09 -4.43
N CYS D 1 7.18 -11.24 -4.22
CA CYS D 1 5.88 -10.53 -4.27
C CYS D 1 4.99 -11.03 -3.15
N GLY D 2 4.60 -10.14 -2.22
CA GLY D 2 3.73 -10.43 -1.10
C GLY D 2 3.61 -9.29 -0.10
N THR D 3 2.68 -8.38 -0.37
CA THR D 3 2.61 -7.08 0.25
C THR D 3 1.17 -6.58 0.41
N PRO D 4 0.72 -6.08 1.57
CA PRO D 4 -0.59 -5.48 1.74
C PRO D 4 -0.73 -4.16 1.02
N ILE D 5 -1.91 -3.89 0.43
CA ILE D 5 -2.05 -2.91 -0.61
C ILE D 5 -3.28 -2.03 -0.47
N SER D 6 -4.16 -2.23 0.51
CA SER D 6 -5.01 -1.17 1.01
C SER D 6 -5.19 -1.26 2.51
N PHE D 7 -5.70 -0.16 3.11
CA PHE D 7 -5.64 0.24 4.49
C PHE D 7 -6.95 0.85 4.99
N TYR D 8 -7.07 1.11 6.29
CA TYR D 8 -8.21 1.80 6.86
C TYR D 8 -8.16 3.31 6.78
N CYS D 9 -7.01 3.89 7.12
CA CYS D 9 -6.83 5.26 7.57
C CYS D 9 -7.48 5.52 8.92
N GLY A 1 3.02 1.26 -9.44
CA GLY A 1 1.92 0.53 -10.04
C GLY A 1 1.95 -0.96 -9.74
N GLY A 2 1.64 -1.36 -8.51
CA GLY A 2 1.71 -2.73 -8.04
C GLY A 2 1.63 -2.88 -6.54
N ALA A 3 1.90 -4.09 -6.06
CA ALA A 3 1.90 -4.53 -4.68
C ALA A 3 3.17 -5.29 -4.35
N GLY A 4 4.04 -4.73 -3.51
CA GLY A 4 5.46 -5.04 -3.61
C GLY A 4 6.27 -4.66 -2.38
N HIS A 5 7.52 -4.28 -2.57
CA HIS A 5 8.45 -3.96 -1.50
C HIS A 5 8.94 -2.52 -1.48
N VAL A 6 8.73 -1.69 -2.50
CA VAL A 6 9.02 -0.27 -2.48
C VAL A 6 7.92 0.55 -3.14
N PRO A 7 7.73 1.84 -2.83
CA PRO A 7 6.57 2.58 -3.29
C PRO A 7 6.73 3.20 -4.68
N GLU A 8 5.75 2.99 -5.57
CA GLU A 8 5.59 3.66 -6.85
C GLU A 8 5.05 5.07 -6.66
N TYR A 9 3.86 5.24 -6.08
CA TYR A 9 3.24 6.50 -5.78
C TYR A 9 3.25 6.72 -4.28
N PHE A 10 4.15 7.56 -3.76
CA PHE A 10 4.38 7.64 -2.33
C PHE A 10 3.19 8.16 -1.55
N VAL A 11 2.43 9.07 -2.19
CA VAL A 11 1.12 9.55 -1.77
C VAL A 11 0.29 9.78 -3.03
N ARG A 12 -0.96 10.23 -2.87
CA ARG A 12 -1.81 10.74 -3.94
C ARG A 12 -2.07 12.24 -3.78
N CYS B 1 -1.50 10.17 8.81
CA CYS B 1 -2.08 9.40 7.70
C CYS B 1 -1.15 9.51 6.50
N GLY B 2 -1.60 9.31 5.25
CA GLY B 2 -0.79 9.47 4.06
C GLY B 2 0.27 8.41 3.82
N THR B 3 -0.06 7.38 3.05
CA THR B 3 0.73 6.18 2.87
C THR B 3 0.66 5.73 1.42
N PRO B 4 1.64 5.01 0.87
CA PRO B 4 1.52 4.45 -0.46
C PRO B 4 0.46 3.36 -0.52
N ILE B 5 -0.37 3.44 -1.56
CA ILE B 5 -1.29 2.40 -1.97
C ILE B 5 -0.72 1.60 -3.13
N SER B 6 0.13 2.19 -3.98
CA SER B 6 0.81 1.53 -5.08
C SER B 6 2.29 1.39 -4.79
N PHE B 7 2.72 0.14 -4.59
CA PHE B 7 4.12 -0.25 -4.66
C PHE B 7 4.58 -0.44 -6.09
N TYR B 8 5.87 -0.76 -6.29
CA TYR B 8 6.35 -1.64 -7.33
C TYR B 8 5.94 -3.09 -7.09
N CYS B 9 6.58 -4.08 -7.73
CA CYS B 9 6.54 -5.46 -7.30
C CYS B 9 7.38 -5.76 -6.07
N GLY C 1 -9.31 1.25 3.68
CA GLY C 1 -9.82 2.32 2.85
C GLY C 1 -8.79 3.26 2.22
N GLY C 2 -7.49 3.06 2.41
CA GLY C 2 -6.47 3.64 1.57
C GLY C 2 -5.13 3.78 2.28
N ALA C 3 -4.79 4.97 2.79
CA ALA C 3 -3.59 5.14 3.57
C ALA C 3 -3.75 4.60 4.99
N GLY C 4 -2.65 4.46 5.73
CA GLY C 4 -2.63 3.99 7.10
C GLY C 4 -1.50 3.05 7.52
N HIS C 5 -1.39 2.93 8.84
CA HIS C 5 -0.46 2.07 9.55
C HIS C 5 -0.89 0.61 9.67
N VAL C 6 -2.20 0.32 9.67
CA VAL C 6 -2.75 -1.01 9.80
C VAL C 6 -3.63 -1.37 8.61
N PRO C 7 -3.58 -2.62 8.12
CA PRO C 7 -4.10 -2.98 6.82
C PRO C 7 -5.61 -3.07 6.75
N GLU C 8 -6.18 -2.71 5.59
CA GLU C 8 -7.55 -2.66 5.12
C GLU C 8 -7.78 -3.65 3.99
N TYR C 9 -6.83 -3.79 3.07
CA TYR C 9 -6.82 -4.76 2.00
C TYR C 9 -5.47 -5.45 1.92
N PHE C 10 -5.48 -6.79 2.09
CA PHE C 10 -4.32 -7.65 2.21
C PHE C 10 -4.04 -8.44 0.95
N VAL C 11 -2.92 -9.18 0.94
CA VAL C 11 -2.53 -10.05 -0.16
C VAL C 11 -3.48 -11.21 -0.33
N ARG C 12 -4.04 -11.39 -1.54
CA ARG C 12 -4.99 -12.41 -1.93
C ARG C 12 -4.40 -13.82 -1.85
N CYS D 1 6.24 -9.37 -5.59
CA CYS D 1 4.92 -8.73 -5.54
C CYS D 1 4.26 -9.17 -4.24
N GLY D 2 2.95 -9.37 -4.19
CA GLY D 2 2.27 -10.04 -3.10
C GLY D 2 2.25 -9.36 -1.74
N THR D 3 1.54 -8.24 -1.62
CA THR D 3 1.58 -7.35 -0.48
C THR D 3 0.22 -6.71 -0.25
N PRO D 4 -0.15 -6.26 0.95
CA PRO D 4 -1.28 -5.38 1.19
C PRO D 4 -1.27 -4.14 0.31
N ILE D 5 -2.43 -3.55 0.02
CA ILE D 5 -2.52 -2.37 -0.81
C ILE D 5 -3.37 -1.24 -0.24
N SER D 6 -4.17 -1.44 0.81
CA SER D 6 -4.83 -0.38 1.52
C SER D 6 -4.80 -0.61 3.02
N PHE D 7 -4.96 0.47 3.79
CA PHE D 7 -4.84 0.65 5.22
C PHE D 7 -5.95 1.55 5.77
N TYR D 8 -6.01 1.83 7.07
CA TYR D 8 -7.24 2.27 7.71
C TYR D 8 -7.58 3.75 7.84
N CYS D 9 -6.61 4.67 7.89
CA CYS D 9 -6.86 6.00 8.40
C CYS D 9 -7.77 6.90 7.57
N GLY A 1 1.84 0.58 -9.70
CA GLY A 1 2.81 -0.41 -10.13
C GLY A 1 2.51 -1.86 -9.80
N GLY A 2 1.93 -2.21 -8.64
CA GLY A 2 1.82 -3.55 -8.12
C GLY A 2 1.64 -3.59 -6.60
N ALA A 3 1.96 -4.72 -5.97
CA ALA A 3 1.86 -4.97 -4.55
C ALA A 3 3.09 -5.71 -4.03
N GLY A 4 4.26 -5.08 -4.12
CA GLY A 4 5.57 -5.65 -3.84
C GLY A 4 6.30 -5.08 -2.64
N HIS A 5 7.23 -4.14 -2.85
CA HIS A 5 8.18 -3.75 -1.82
C HIS A 5 8.80 -2.36 -1.91
N VAL A 6 8.59 -1.58 -2.98
CA VAL A 6 8.90 -0.18 -3.07
C VAL A 6 7.75 0.62 -3.65
N PRO A 7 7.52 1.90 -3.32
CA PRO A 7 6.32 2.63 -3.63
C PRO A 7 6.22 3.09 -5.08
N GLU A 8 5.11 2.76 -5.73
CA GLU A 8 4.62 3.31 -6.97
C GLU A 8 3.80 4.59 -6.78
N TYR A 9 2.97 4.63 -5.73
CA TYR A 9 2.29 5.80 -5.22
C TYR A 9 2.46 5.90 -3.71
N PHE A 10 3.33 6.83 -3.32
CA PHE A 10 3.45 7.28 -1.94
C PHE A 10 2.20 8.00 -1.46
N VAL A 11 1.61 8.88 -2.26
CA VAL A 11 0.42 9.68 -2.02
C VAL A 11 -0.20 10.27 -3.28
N ARG A 12 -1.44 10.73 -3.14
CA ARG A 12 -2.29 11.36 -4.14
C ARG A 12 -2.09 12.86 -4.25
N CYS B 1 -3.00 10.65 7.38
CA CYS B 1 -2.64 9.71 6.31
C CYS B 1 -1.51 10.23 5.44
N GLY B 2 -0.41 9.48 5.36
CA GLY B 2 0.79 9.81 4.62
C GLY B 2 1.74 8.66 4.41
N THR B 3 1.25 7.62 3.74
CA THR B 3 1.89 6.33 3.57
C THR B 3 1.53 5.69 2.24
N PRO B 4 2.44 5.07 1.48
CA PRO B 4 2.13 4.36 0.26
C PRO B 4 0.91 3.45 0.32
N ILE B 5 0.26 3.27 -0.83
CA ILE B 5 -0.71 2.23 -1.14
C ILE B 5 -0.21 1.34 -2.27
N SER B 6 -0.09 1.85 -3.51
CA SER B 6 0.48 1.13 -4.63
C SER B 6 1.98 1.01 -4.46
N PHE B 7 2.48 -0.22 -4.37
CA PHE B 7 3.88 -0.59 -4.54
C PHE B 7 4.15 -0.79 -6.03
N TYR B 8 5.40 -1.07 -6.41
CA TYR B 8 5.79 -1.76 -7.62
C TYR B 8 5.61 -3.26 -7.44
N CYS B 9 6.16 -4.11 -8.31
CA CYS B 9 6.49 -5.48 -7.98
C CYS B 9 7.94 -5.81 -8.32
N GLY C 1 -9.28 0.83 3.09
CA GLY C 1 -9.68 2.06 2.46
C GLY C 1 -8.75 3.23 2.72
N GLY C 2 -7.71 3.42 1.89
CA GLY C 2 -6.74 4.49 1.95
C GLY C 2 -5.35 4.02 2.34
N ALA C 3 -4.49 4.97 2.73
CA ALA C 3 -3.27 4.77 3.49
C ALA C 3 -3.55 4.54 4.97
N GLY C 4 -2.51 4.41 5.81
CA GLY C 4 -2.67 4.22 7.23
C GLY C 4 -1.71 3.22 7.86
N HIS C 5 -1.87 2.99 9.16
CA HIS C 5 -0.94 2.27 10.02
C HIS C 5 -1.22 0.78 10.08
N VAL C 6 -2.43 0.36 9.71
CA VAL C 6 -2.92 -1.01 9.70
C VAL C 6 -3.67 -1.31 8.41
N PRO C 7 -3.56 -2.52 7.87
CA PRO C 7 -3.95 -2.85 6.52
C PRO C 7 -5.45 -3.03 6.34
N GLU C 8 -5.91 -2.84 5.10
CA GLU C 8 -7.22 -3.03 4.53
C GLU C 8 -7.20 -4.12 3.47
N TYR C 9 -6.19 -4.12 2.62
CA TYR C 9 -5.93 -5.16 1.63
C TYR C 9 -4.58 -5.81 1.89
N PHE C 10 -4.49 -7.09 1.55
CA PHE C 10 -3.25 -7.85 1.42
C PHE C 10 -3.19 -8.47 0.04
N VAL C 11 -2.17 -9.27 -0.27
CA VAL C 11 -2.11 -10.08 -1.47
C VAL C 11 -3.33 -10.97 -1.65
N ARG C 12 -3.59 -11.46 -2.87
CA ARG C 12 -4.74 -12.26 -3.21
C ARG C 12 -4.45 -13.57 -3.93
N CYS D 1 6.53 -10.65 -4.12
CA CYS D 1 5.39 -9.74 -3.88
C CYS D 1 4.30 -10.53 -3.18
N GLY D 2 3.89 -10.03 -2.01
CA GLY D 2 3.02 -10.69 -1.05
C GLY D 2 2.88 -9.79 0.17
N THR D 3 2.05 -8.76 0.04
CA THR D 3 2.22 -7.48 0.69
C THR D 3 0.88 -6.90 1.08
N PRO D 4 0.79 -5.96 2.03
CA PRO D 4 -0.33 -5.04 2.09
C PRO D 4 -0.38 -4.19 0.82
N ILE D 5 -1.53 -3.54 0.61
CA ILE D 5 -1.72 -2.54 -0.42
C ILE D 5 -2.43 -1.37 0.25
N SER D 6 -3.76 -1.41 0.38
CA SER D 6 -4.53 -0.46 1.16
C SER D 6 -4.46 -0.70 2.66
N PHE D 7 -4.79 0.34 3.42
CA PHE D 7 -4.74 0.48 4.87
C PHE D 7 -5.97 1.26 5.35
N TYR D 8 -6.12 1.50 6.65
CA TYR D 8 -7.19 2.25 7.26
C TYR D 8 -6.96 3.75 7.41
N CYS D 9 -7.54 4.53 6.49
CA CYS D 9 -7.58 5.97 6.56
C CYS D 9 -8.92 6.50 7.05
N GLY A 1 1.92 0.70 -9.09
CA GLY A 1 1.31 -0.41 -9.81
C GLY A 1 0.63 -1.42 -8.91
N GLY A 2 1.33 -2.52 -8.61
CA GLY A 2 0.82 -3.64 -7.85
C GLY A 2 1.16 -3.60 -6.37
N ALA A 3 1.95 -4.55 -5.83
CA ALA A 3 2.17 -4.81 -4.43
C ALA A 3 3.48 -5.53 -4.17
N GLY A 4 4.45 -4.94 -3.48
CA GLY A 4 5.84 -5.36 -3.48
C GLY A 4 6.68 -4.61 -2.46
N HIS A 5 7.96 -4.42 -2.78
CA HIS A 5 9.05 -3.98 -1.93
C HIS A 5 9.54 -2.55 -2.15
N VAL A 6 9.31 -1.98 -3.33
CA VAL A 6 9.61 -0.63 -3.74
C VAL A 6 8.38 0.13 -4.17
N PRO A 7 8.00 1.22 -3.49
CA PRO A 7 6.68 1.80 -3.64
C PRO A 7 6.52 2.59 -4.93
N GLU A 8 5.27 2.66 -5.40
CA GLU A 8 4.85 3.22 -6.67
C GLU A 8 4.11 4.55 -6.51
N TYR A 9 3.26 4.65 -5.49
CA TYR A 9 2.63 5.87 -5.04
C TYR A 9 2.75 6.03 -3.54
N PHE A 10 3.61 6.94 -3.07
CA PHE A 10 3.64 7.31 -1.67
C PHE A 10 2.51 8.27 -1.32
N VAL A 11 2.12 9.16 -2.24
CA VAL A 11 1.00 10.07 -2.13
C VAL A 11 0.55 10.41 -3.54
N ARG A 12 -0.71 10.85 -3.68
CA ARG A 12 -1.29 11.48 -4.85
C ARG A 12 -0.70 12.84 -5.17
N CYS B 1 -3.74 10.68 7.70
CA CYS B 1 -3.51 9.44 6.94
C CYS B 1 -2.56 9.63 5.77
N GLY B 2 -1.36 9.05 5.87
CA GLY B 2 -0.38 8.97 4.81
C GLY B 2 0.51 7.75 4.92
N THR B 3 0.48 6.85 3.94
CA THR B 3 1.34 5.70 3.79
C THR B 3 1.36 5.29 2.32
N PRO B 4 2.40 4.68 1.76
CA PRO B 4 2.41 4.24 0.38
C PRO B 4 1.38 3.16 0.10
N ILE B 5 0.79 3.19 -1.10
CA ILE B 5 -0.36 2.40 -1.47
C ILE B 5 0.04 1.24 -2.38
N SER B 6 0.33 1.51 -3.66
CA SER B 6 0.85 0.49 -4.54
C SER B 6 2.37 0.51 -4.60
N PHE B 7 2.90 -0.51 -5.29
CA PHE B 7 4.31 -0.78 -5.47
C PHE B 7 4.70 -1.14 -6.90
N TYR B 8 5.99 -1.10 -7.25
CA TYR B 8 6.40 -1.32 -8.63
C TYR B 8 6.34 -2.78 -9.05
N CYS B 9 6.17 -3.72 -8.12
CA CYS B 9 5.92 -5.10 -8.45
C CYS B 9 4.53 -5.36 -9.02
N GLY C 1 -8.77 0.28 3.52
CA GLY C 1 -9.58 0.98 2.55
C GLY C 1 -9.37 2.48 2.39
N GLY C 2 -8.44 3.10 3.13
CA GLY C 2 -7.85 4.40 2.88
C GLY C 2 -6.35 4.18 2.77
N ALA C 3 -5.54 5.15 3.20
CA ALA C 3 -4.09 5.02 3.27
C ALA C 3 -3.58 5.72 4.52
N GLY C 4 -3.63 5.07 5.69
CA GLY C 4 -3.24 5.55 7.00
C GLY C 4 -2.42 4.55 7.80
N HIS C 5 -2.99 3.85 8.78
CA HIS C 5 -2.26 3.41 9.95
C HIS C 5 -1.97 1.93 10.13
N VAL C 6 -2.85 0.99 9.77
CA VAL C 6 -2.66 -0.44 9.72
C VAL C 6 -3.24 -1.05 8.46
N PRO C 7 -2.85 -2.23 7.98
CA PRO C 7 -3.16 -2.58 6.61
C PRO C 7 -4.58 -3.01 6.33
N GLU C 8 -5.03 -2.85 5.07
CA GLU C 8 -6.16 -3.45 4.39
C GLU C 8 -5.65 -4.28 3.22
N TYR C 9 -6.56 -5.01 2.58
CA TYR C 9 -6.50 -5.72 1.32
C TYR C 9 -5.18 -6.46 1.11
N PHE C 10 -4.79 -7.32 2.07
CA PHE C 10 -3.43 -7.83 2.17
C PHE C 10 -2.96 -8.60 0.96
N VAL C 11 -3.87 -9.36 0.36
CA VAL C 11 -3.66 -10.19 -0.81
C VAL C 11 -5.00 -10.43 -1.50
N ARG C 12 -4.93 -10.75 -2.79
CA ARG C 12 -5.99 -11.29 -3.61
C ARG C 12 -5.53 -12.47 -4.45
N CYS D 1 7.47 -10.71 -3.79
CA CYS D 1 6.39 -9.72 -3.74
C CYS D 1 5.20 -10.25 -2.94
N GLY D 2 4.98 -9.68 -1.74
CA GLY D 2 3.95 -10.04 -0.80
C GLY D 2 3.74 -8.93 0.21
N THR D 3 2.97 -7.90 -0.14
CA THR D 3 2.67 -6.73 0.64
C THR D 3 1.19 -6.37 0.55
N PRO D 4 0.57 -5.75 1.56
CA PRO D 4 -0.71 -5.07 1.46
C PRO D 4 -0.71 -3.93 0.45
N ILE D 5 -1.87 -3.29 0.30
CA ILE D 5 -2.05 -2.16 -0.58
C ILE D 5 -2.63 -0.99 0.20
N SER D 6 -3.96 -0.88 0.33
CA SER D 6 -4.62 0.12 1.14
C SER D 6 -4.33 -0.11 2.61
N PHE D 7 -4.53 0.91 3.45
CA PHE D 7 -4.44 0.83 4.90
C PHE D 7 -5.76 1.32 5.50
N TYR D 8 -5.93 1.22 6.82
CA TYR D 8 -6.97 1.85 7.61
C TYR D 8 -6.74 3.35 7.59
N CYS D 9 -7.72 4.17 7.97
CA CYS D 9 -7.58 5.61 8.08
C CYS D 9 -8.50 6.18 9.14
N GLY A 1 2.34 1.09 -9.39
CA GLY A 1 1.22 0.28 -9.84
C GLY A 1 1.41 -1.20 -9.50
N GLY A 2 1.00 -1.62 -8.31
CA GLY A 2 1.10 -2.96 -7.77
C GLY A 2 1.39 -2.95 -6.28
N ALA A 3 1.82 -4.11 -5.76
CA ALA A 3 2.34 -4.33 -4.43
C ALA A 3 3.59 -5.18 -4.47
N GLY A 4 4.59 -4.82 -3.65
CA GLY A 4 5.88 -5.47 -3.66
C GLY A 4 6.86 -4.98 -2.61
N HIS A 5 7.90 -4.26 -3.04
CA HIS A 5 9.07 -3.88 -2.28
C HIS A 5 9.59 -2.48 -2.56
N VAL A 6 9.40 -1.85 -3.72
CA VAL A 6 9.75 -0.48 -4.01
C VAL A 6 8.53 0.33 -4.41
N PRO A 7 8.34 1.55 -3.90
CA PRO A 7 7.12 2.30 -4.11
C PRO A 7 6.83 2.74 -5.54
N GLU A 8 5.56 3.06 -5.85
CA GLU A 8 5.04 3.61 -7.07
C GLU A 8 4.13 4.80 -6.77
N TYR A 9 3.18 4.69 -5.84
CA TYR A 9 2.21 5.67 -5.43
C TYR A 9 2.34 5.95 -3.93
N PHE A 10 3.32 6.81 -3.62
CA PHE A 10 3.67 7.36 -2.34
C PHE A 10 2.62 8.33 -1.79
N VAL A 11 1.85 9.00 -2.64
CA VAL A 11 0.89 10.02 -2.25
C VAL A 11 -0.36 9.89 -3.10
N ARG A 12 -1.39 10.68 -2.77
CA ARG A 12 -2.61 10.86 -3.53
C ARG A 12 -2.39 11.48 -4.90
N CYS B 1 -3.68 10.85 9.18
CA CYS B 1 -3.33 9.61 8.45
C CYS B 1 -2.33 9.96 7.37
N GLY B 2 -2.09 9.10 6.38
CA GLY B 2 -0.95 9.13 5.49
C GLY B 2 -0.51 7.73 5.07
N THR B 3 0.79 7.54 4.86
CA THR B 3 1.50 6.33 4.51
C THR B 3 1.61 6.14 3.00
N PRO B 4 2.71 5.64 2.44
CA PRO B 4 2.74 5.28 1.03
C PRO B 4 1.95 4.02 0.74
N ILE B 5 1.38 3.92 -0.46
CA ILE B 5 0.37 2.94 -0.82
C ILE B 5 0.95 1.94 -1.81
N SER B 6 0.88 2.16 -3.12
CA SER B 6 1.29 1.18 -4.11
C SER B 6 2.80 1.14 -4.34
N PHE B 7 3.23 -0.01 -4.84
CA PHE B 7 4.59 -0.37 -5.24
C PHE B 7 4.66 -0.67 -6.73
N TYR B 8 5.85 -1.01 -7.23
CA TYR B 8 5.98 -1.84 -8.41
C TYR B 8 5.83 -3.31 -8.06
N CYS B 9 5.71 -4.19 -9.05
CA CYS B 9 6.15 -5.57 -9.01
C CYS B 9 6.33 -6.12 -10.42
N GLY C 1 -9.20 -0.07 2.40
CA GLY C 1 -9.18 0.71 1.18
C GLY C 1 -8.92 2.20 1.28
N GLY C 2 -8.67 2.70 2.50
CA GLY C 2 -8.10 4.00 2.74
C GLY C 2 -6.58 4.01 2.76
N ALA C 3 -6.05 5.16 3.21
CA ALA C 3 -4.65 5.37 3.51
C ALA C 3 -4.48 5.86 4.95
N GLY C 4 -3.80 5.09 5.80
CA GLY C 4 -3.58 5.34 7.20
C GLY C 4 -2.60 4.34 7.79
N HIS C 5 -3.01 3.39 8.64
CA HIS C 5 -2.20 2.86 9.71
C HIS C 5 -2.19 1.37 9.97
N VAL C 6 -3.09 0.59 9.38
CA VAL C 6 -3.02 -0.87 9.32
C VAL C 6 -3.57 -1.32 7.97
N PRO C 7 -3.11 -2.41 7.36
CA PRO C 7 -3.44 -2.73 5.99
C PRO C 7 -4.85 -3.27 5.82
N GLU C 8 -5.46 -3.10 4.64
CA GLU C 8 -6.82 -3.41 4.22
C GLU C 8 -6.81 -3.88 2.77
N TYR C 9 -7.55 -4.95 2.47
CA TYR C 9 -7.36 -5.76 1.28
C TYR C 9 -5.89 -6.05 1.02
N PHE C 10 -5.30 -6.93 1.82
CA PHE C 10 -3.95 -7.42 1.72
C PHE C 10 -3.73 -8.21 0.43
N VAL C 11 -4.81 -8.87 -0.02
CA VAL C 11 -4.89 -9.62 -1.25
C VAL C 11 -6.21 -9.34 -1.96
N ARG C 12 -6.45 -9.94 -3.13
CA ARG C 12 -7.74 -9.95 -3.80
C ARG C 12 -8.03 -11.30 -4.44
N CYS D 1 6.29 -11.13 -4.31
CA CYS D 1 5.55 -9.94 -3.88
C CYS D 1 4.38 -10.36 -2.99
N GLY D 2 4.53 -10.23 -1.67
CA GLY D 2 3.60 -10.66 -0.64
C GLY D 2 3.32 -9.57 0.38
N THR D 3 2.88 -8.42 -0.12
CA THR D 3 2.77 -7.13 0.53
C THR D 3 1.40 -6.55 0.25
N PRO D 4 0.78 -5.77 1.15
CA PRO D 4 -0.50 -5.14 0.92
C PRO D 4 -0.46 -3.95 -0.02
N ILE D 5 -1.65 -3.45 -0.36
CA ILE D 5 -1.80 -2.22 -1.10
C ILE D 5 -2.28 -1.13 -0.15
N SER D 6 -3.54 -1.22 0.29
CA SER D 6 -4.30 -0.16 0.91
C SER D 6 -4.39 -0.37 2.42
N PHE D 7 -5.03 0.54 3.15
CA PHE D 7 -5.06 0.63 4.60
C PHE D 7 -6.43 0.95 5.18
N TYR D 8 -6.52 0.88 6.52
CA TYR D 8 -7.45 1.59 7.37
C TYR D 8 -7.00 3.02 7.61
N CYS D 9 -7.93 3.92 7.94
CA CYS D 9 -7.71 5.14 8.69
C CYS D 9 -8.87 5.34 9.63
N GLY A 1 2.24 1.16 -8.69
CA GLY A 1 1.05 0.55 -9.23
C GLY A 1 0.69 -0.89 -8.85
N GLY A 2 1.56 -1.64 -8.17
CA GLY A 2 1.25 -2.99 -7.75
C GLY A 2 1.58 -3.34 -6.31
N ALA A 3 1.26 -4.57 -5.89
CA ALA A 3 1.47 -5.08 -4.56
C ALA A 3 2.90 -5.49 -4.26
N GLY A 4 3.87 -4.60 -4.45
CA GLY A 4 5.30 -4.86 -4.40
C GLY A 4 6.09 -4.22 -3.26
N HIS A 5 7.40 -4.16 -3.45
CA HIS A 5 8.44 -4.06 -2.43
C HIS A 5 8.92 -2.66 -2.07
N VAL A 6 8.82 -1.68 -2.98
CA VAL A 6 9.25 -0.30 -2.83
C VAL A 6 8.25 0.66 -3.45
N PRO A 7 7.99 1.84 -2.89
CA PRO A 7 6.79 2.62 -3.14
C PRO A 7 6.66 3.27 -4.50
N GLU A 8 5.47 3.19 -5.07
CA GLU A 8 4.97 3.78 -6.30
C GLU A 8 4.16 5.03 -6.01
N TYR A 9 3.08 4.92 -5.23
CA TYR A 9 2.07 5.95 -5.04
C TYR A 9 2.00 6.41 -3.59
N PHE A 10 2.74 7.44 -3.20
CA PHE A 10 2.68 8.09 -1.90
C PHE A 10 1.40 8.88 -1.66
N VAL A 11 0.85 9.56 -2.67
CA VAL A 11 -0.24 10.50 -2.53
C VAL A 11 -1.32 10.16 -3.55
N ARG A 12 -2.51 9.81 -3.07
CA ARG A 12 -3.71 9.50 -3.83
C ARG A 12 -4.50 10.70 -4.33
N CYS B 1 -2.86 9.84 8.57
CA CYS B 1 -2.54 8.94 7.46
C CYS B 1 -1.64 9.65 6.46
N GLY B 2 -0.76 8.91 5.79
CA GLY B 2 0.18 9.40 4.79
C GLY B 2 1.25 8.34 4.56
N THR B 3 0.91 7.35 3.74
CA THR B 3 1.62 6.11 3.55
C THR B 3 1.30 5.63 2.14
N PRO B 4 2.29 5.18 1.37
CA PRO B 4 2.06 4.86 -0.03
C PRO B 4 1.11 3.68 -0.20
N ILE B 5 0.19 3.77 -1.17
CA ILE B 5 -0.91 2.90 -1.46
C ILE B 5 -0.37 1.64 -2.14
N SER B 6 0.45 1.84 -3.18
CA SER B 6 1.02 0.75 -3.95
C SER B 6 2.47 1.02 -4.34
N PHE B 7 3.10 0.05 -5.00
CA PHE B 7 4.53 -0.18 -5.04
C PHE B 7 5.00 -0.68 -6.41
N TYR B 8 6.31 -0.88 -6.53
CA TYR B 8 6.98 -1.54 -7.65
C TYR B 8 7.14 -3.01 -7.31
N CYS B 9 6.77 -3.89 -8.25
CA CYS B 9 6.56 -5.31 -8.06
C CYS B 9 7.55 -6.05 -8.95
N GLY C 1 -9.98 -0.10 3.44
CA GLY C 1 -10.40 0.97 2.56
C GLY C 1 -9.70 2.30 2.80
N GLY C 2 -8.48 2.53 2.30
CA GLY C 2 -7.79 3.79 2.41
C GLY C 2 -6.30 3.77 2.15
N ALA C 3 -5.64 4.93 2.25
CA ALA C 3 -4.21 5.08 2.11
C ALA C 3 -3.60 5.38 3.47
N GLY C 4 -2.93 4.40 4.09
CA GLY C 4 -2.79 4.40 5.52
C GLY C 4 -1.94 3.29 6.12
N HIS C 5 -1.95 3.20 7.45
CA HIS C 5 -0.89 2.68 8.29
C HIS C 5 -0.92 1.19 8.60
N VAL C 6 -2.08 0.54 8.60
CA VAL C 6 -2.28 -0.87 8.86
C VAL C 6 -3.24 -1.50 7.87
N PRO C 7 -3.17 -2.80 7.55
CA PRO C 7 -3.84 -3.31 6.37
C PRO C 7 -5.36 -3.39 6.52
N GLU C 8 -6.06 -2.92 5.49
CA GLU C 8 -7.42 -3.35 5.18
C GLU C 8 -7.31 -4.59 4.31
N TYR C 9 -6.61 -4.47 3.18
CA TYR C 9 -6.30 -5.56 2.27
C TYR C 9 -4.86 -6.01 2.37
N PHE C 10 -4.64 -7.21 2.91
CA PHE C 10 -3.40 -7.92 2.80
C PHE C 10 -3.20 -8.47 1.40
N VAL C 11 -4.29 -8.93 0.78
CA VAL C 11 -4.44 -9.38 -0.59
C VAL C 11 -5.86 -9.02 -0.99
N ARG C 12 -6.21 -9.04 -2.29
CA ARG C 12 -7.59 -9.11 -2.74
C ARG C 12 -7.83 -9.93 -4.01
N CYS D 1 6.19 -9.79 -4.86
CA CYS D 1 4.99 -8.95 -4.82
C CYS D 1 3.99 -9.56 -3.83
N GLY D 2 4.09 -9.13 -2.57
CA GLY D 2 3.28 -9.66 -1.49
C GLY D 2 3.14 -8.68 -0.34
N THR D 3 2.53 -7.53 -0.62
CA THR D 3 2.39 -6.34 0.21
C THR D 3 0.94 -5.87 0.26
N PRO D 4 0.39 -5.42 1.39
CA PRO D 4 -0.96 -4.91 1.42
C PRO D 4 -1.06 -3.64 0.58
N ILE D 5 -2.24 -3.35 0.04
CA ILE D 5 -2.50 -2.27 -0.89
C ILE D 5 -3.81 -1.53 -0.66
N SER D 6 -4.54 -1.82 0.43
CA SER D 6 -5.55 -0.96 0.99
C SER D 6 -5.38 -1.05 2.50
N PHE D 7 -5.69 0.03 3.23
CA PHE D 7 -5.35 0.20 4.63
C PHE D 7 -6.50 0.76 5.47
N TYR D 8 -6.36 0.79 6.79
CA TYR D 8 -7.13 1.67 7.64
C TYR D 8 -6.55 3.07 7.54
N CYS D 9 -7.39 4.11 7.64
CA CYS D 9 -7.00 5.50 7.78
C CYS D 9 -7.76 6.20 8.89
N GLY A 1 2.96 1.13 -10.01
CA GLY A 1 2.30 0.29 -11.00
C GLY A 1 2.00 -1.15 -10.59
N GLY A 2 1.65 -1.36 -9.32
CA GLY A 2 1.60 -2.66 -8.68
C GLY A 2 1.28 -2.55 -7.19
N ALA A 3 1.46 -3.66 -6.46
CA ALA A 3 0.99 -3.85 -5.11
C ALA A 3 1.92 -4.64 -4.19
N GLY A 4 2.44 -4.01 -3.13
CA GLY A 4 3.24 -4.62 -2.09
C GLY A 4 4.38 -3.84 -1.46
N HIS A 5 5.62 -3.92 -1.96
CA HIS A 5 6.76 -3.75 -1.09
C HIS A 5 7.68 -2.56 -1.26
N VAL A 6 7.65 -1.81 -2.38
CA VAL A 6 8.30 -0.52 -2.52
C VAL A 6 7.43 0.43 -3.33
N PRO A 7 7.24 1.70 -2.98
CA PRO A 7 6.19 2.54 -3.51
C PRO A 7 6.40 2.91 -4.98
N GLU A 8 5.30 2.88 -5.74
CA GLU A 8 5.17 3.55 -7.00
C GLU A 8 4.55 4.94 -6.89
N TYR A 9 3.49 5.12 -6.10
CA TYR A 9 2.93 6.42 -5.80
C TYR A 9 2.80 6.57 -4.29
N PHE A 10 3.76 7.19 -3.60
CA PHE A 10 3.84 7.34 -2.17
C PHE A 10 2.72 8.18 -1.58
N VAL A 11 2.11 9.06 -2.38
CA VAL A 11 0.93 9.84 -2.10
C VAL A 11 0.05 9.92 -3.34
N ARG A 12 -1.23 10.25 -3.16
CA ARG A 12 -2.18 10.59 -4.21
C ARG A 12 -3.09 11.77 -3.91
N CYS B 1 -1.29 9.38 9.30
CA CYS B 1 -1.74 8.46 8.25
C CYS B 1 -1.29 8.91 6.87
N GLY B 2 -0.27 8.28 6.28
CA GLY B 2 0.49 8.84 5.19
C GLY B 2 1.39 7.81 4.52
N THR B 3 0.80 6.96 3.68
CA THR B 3 1.39 5.78 3.08
C THR B 3 1.08 5.71 1.59
N PRO B 4 1.84 4.96 0.79
CA PRO B 4 1.35 4.53 -0.51
C PRO B 4 0.06 3.73 -0.46
N ILE B 5 -0.61 3.68 -1.61
CA ILE B 5 -1.57 2.65 -1.97
C ILE B 5 -1.20 2.07 -3.32
N SER B 6 0.03 2.28 -3.78
CA SER B 6 0.56 1.75 -5.03
C SER B 6 2.07 1.55 -4.98
N PHE B 7 2.55 0.40 -5.48
CA PHE B 7 3.90 -0.11 -5.36
C PHE B 7 4.45 -0.52 -6.72
N TYR B 8 5.70 -0.93 -6.85
CA TYR B 8 6.29 -1.34 -8.12
C TYR B 8 5.67 -2.62 -8.69
N CYS B 9 6.07 -3.82 -8.25
CA CYS B 9 5.32 -5.03 -8.46
C CYS B 9 4.15 -5.06 -7.48
N GLY C 1 -9.24 0.65 2.86
CA GLY C 1 -9.57 1.69 1.89
C GLY C 1 -9.01 3.06 2.22
N GLY C 2 -7.70 3.26 2.10
CA GLY C 2 -7.01 4.41 2.64
C GLY C 2 -5.50 4.23 2.77
N ALA C 3 -4.83 5.17 3.44
CA ALA C 3 -3.39 5.32 3.45
C ALA C 3 -2.84 5.56 4.85
N GLY C 4 -2.30 4.52 5.48
CA GLY C 4 -1.97 4.56 6.89
C GLY C 4 -1.09 3.42 7.39
N HIS C 5 -1.09 3.24 8.71
CA HIS C 5 -0.32 2.35 9.56
C HIS C 5 -0.84 0.92 9.64
N VAL C 6 -2.05 0.58 9.22
CA VAL C 6 -2.76 -0.66 9.50
C VAL C 6 -3.57 -1.15 8.29
N PRO C 7 -3.38 -2.37 7.80
CA PRO C 7 -3.84 -2.77 6.48
C PRO C 7 -5.32 -3.10 6.37
N GLU C 8 -6.06 -2.44 5.48
CA GLU C 8 -7.39 -2.75 5.00
C GLU C 8 -7.40 -3.87 3.95
N TYR C 9 -6.31 -4.04 3.19
CA TYR C 9 -6.24 -5.06 2.17
C TYR C 9 -4.87 -5.71 2.12
N PHE C 10 -4.85 -7.03 2.31
CA PHE C 10 -3.69 -7.88 2.20
C PHE C 10 -3.35 -8.15 0.74
N VAL C 11 -2.34 -9.01 0.56
CA VAL C 11 -2.07 -9.64 -0.72
C VAL C 11 -2.99 -10.82 -1.00
N ARG C 12 -3.31 -11.10 -2.27
CA ARG C 12 -4.27 -12.09 -2.71
C ARG C 12 -3.71 -13.51 -2.73
N CYS D 1 6.44 -8.43 -3.66
CA CYS D 1 5.14 -9.08 -3.93
C CYS D 1 4.99 -10.21 -2.92
N GLY D 2 3.99 -10.04 -2.05
CA GLY D 2 3.84 -10.74 -0.78
C GLY D 2 3.59 -9.84 0.41
N THR D 3 3.17 -8.59 0.21
CA THR D 3 2.88 -7.56 1.18
C THR D 3 1.53 -6.91 0.91
N PRO D 4 0.78 -6.45 1.92
CA PRO D 4 -0.40 -5.63 1.76
C PRO D 4 -0.35 -4.49 0.76
N ILE D 5 -1.53 -3.94 0.45
CA ILE D 5 -1.78 -2.90 -0.53
C ILE D 5 -2.36 -1.63 0.06
N SER D 6 -3.52 -1.74 0.70
CA SER D 6 -4.27 -0.62 1.23
C SER D 6 -4.45 -0.69 2.74
N PHE D 7 -4.74 0.44 3.37
CA PHE D 7 -4.82 0.66 4.81
C PHE D 7 -6.19 1.13 5.25
N TYR D 8 -6.49 1.02 6.55
CA TYR D 8 -7.76 1.44 7.10
C TYR D 8 -7.94 2.95 7.19
N CYS D 9 -6.90 3.65 7.62
CA CYS D 9 -6.96 5.07 7.91
C CYS D 9 -7.22 5.96 6.69
N GLY A 1 2.89 0.61 -9.54
CA GLY A 1 1.70 0.07 -10.17
C GLY A 1 1.13 -1.25 -9.69
N GLY A 2 1.86 -2.00 -8.84
CA GLY A 2 1.51 -3.33 -8.39
C GLY A 2 1.43 -3.49 -6.89
N ALA A 3 1.67 -4.71 -6.38
CA ALA A 3 1.54 -5.10 -4.99
C ALA A 3 2.80 -5.81 -4.51
N GLY A 4 3.69 -5.08 -3.83
CA GLY A 4 5.09 -5.44 -3.74
C GLY A 4 5.96 -4.51 -2.90
N HIS A 5 7.22 -4.32 -3.30
CA HIS A 5 8.31 -3.85 -2.49
C HIS A 5 8.43 -2.34 -2.31
N VAL A 6 9.08 -1.68 -3.26
CA VAL A 6 9.27 -0.23 -3.29
C VAL A 6 8.07 0.41 -3.95
N PRO A 7 7.65 1.60 -3.48
CA PRO A 7 6.37 2.15 -3.86
C PRO A 7 6.40 2.83 -5.23
N GLU A 8 5.29 2.72 -5.97
CA GLU A 8 4.93 3.66 -7.02
C GLU A 8 4.12 4.81 -6.41
N TYR A 9 2.89 4.50 -6.01
CA TYR A 9 1.87 5.49 -5.72
C TYR A 9 1.91 5.86 -4.25
N PHE A 10 2.87 6.73 -3.90
CA PHE A 10 3.02 7.27 -2.56
C PHE A 10 1.87 8.18 -2.17
N VAL A 11 1.96 8.73 -0.94
CA VAL A 11 1.21 9.89 -0.50
C VAL A 11 1.19 11.00 -1.53
N ARG A 12 -0.01 11.57 -1.72
CA ARG A 12 -0.44 12.43 -2.80
C ARG A 12 0.38 13.68 -3.05
N CYS B 1 -1.90 8.53 9.56
CA CYS B 1 -2.46 7.93 8.34
C CYS B 1 -1.72 8.45 7.12
N GLY B 2 -1.20 7.59 6.23
CA GLY B 2 -0.59 8.00 4.98
C GLY B 2 -0.32 6.83 4.05
N THR B 3 0.96 6.48 3.89
CA THR B 3 1.55 5.31 3.27
C THR B 3 1.29 5.18 1.78
N PRO B 4 2.16 4.50 1.03
CA PRO B 4 1.94 4.11 -0.35
C PRO B 4 0.94 2.98 -0.52
N ILE B 5 0.22 2.95 -1.64
CA ILE B 5 -0.83 2.02 -1.98
C ILE B 5 -0.41 0.98 -3.01
N SER B 6 0.45 1.35 -3.97
CA SER B 6 0.93 0.43 -4.99
C SER B 6 2.43 0.56 -5.21
N PHE B 7 3.07 -0.51 -5.72
CA PHE B 7 4.49 -0.77 -5.66
C PHE B 7 5.09 -1.19 -6.99
N TYR B 8 6.40 -1.42 -7.13
CA TYR B 8 7.03 -1.76 -8.38
C TYR B 8 6.70 -3.18 -8.85
N CYS B 9 6.92 -4.18 -8.00
CA CYS B 9 6.13 -5.40 -8.01
C CYS B 9 4.69 -5.14 -7.62
N GLY C 1 -9.24 -0.24 2.91
CA GLY C 1 -9.50 0.58 1.75
C GLY C 1 -8.95 2.00 1.84
N GLY C 2 -7.94 2.27 1.01
CA GLY C 2 -7.24 3.54 0.96
C GLY C 2 -6.04 3.69 1.87
N ALA C 3 -5.56 4.93 1.97
CA ALA C 3 -4.47 5.39 2.81
C ALA C 3 -4.67 5.11 4.29
N GLY C 4 -3.58 5.13 5.07
CA GLY C 4 -3.59 4.78 6.47
C GLY C 4 -2.25 4.32 7.04
N HIS C 5 -2.36 3.66 8.20
CA HIS C 5 -1.26 3.04 8.90
C HIS C 5 -1.61 1.71 9.56
N VAL C 6 -2.85 1.23 9.49
CA VAL C 6 -3.16 -0.15 9.79
C VAL C 6 -4.00 -0.82 8.72
N PRO C 7 -3.70 -2.09 8.41
CA PRO C 7 -4.03 -2.64 7.11
C PRO C 7 -5.44 -3.19 6.99
N GLU C 8 -5.93 -3.14 5.74
CA GLU C 8 -7.25 -3.50 5.28
C GLU C 8 -7.21 -4.62 4.26
N TYR C 9 -6.28 -4.57 3.29
CA TYR C 9 -6.06 -5.56 2.24
C TYR C 9 -4.60 -5.97 2.20
N PHE C 10 -4.33 -7.19 1.73
CA PHE C 10 -3.02 -7.73 1.44
C PHE C 10 -3.04 -8.34 0.05
N VAL C 11 -2.24 -9.36 -0.29
CA VAL C 11 -2.33 -10.18 -1.49
C VAL C 11 -3.76 -10.66 -1.76
N ARG C 12 -4.10 -10.83 -3.03
CA ARG C 12 -5.25 -11.58 -3.49
C ARG C 12 -4.86 -12.91 -4.11
N CYS D 1 5.01 -11.54 -4.48
CA CYS D 1 5.34 -10.38 -3.63
C CYS D 1 4.23 -10.23 -2.59
N GLY D 2 4.55 -9.98 -1.31
CA GLY D 2 3.63 -10.02 -0.20
C GLY D 2 3.57 -8.74 0.62
N THR D 3 2.54 -7.91 0.42
CA THR D 3 2.48 -6.57 0.98
C THR D 3 1.06 -6.18 1.36
N PRO D 4 0.84 -5.46 2.47
CA PRO D 4 -0.41 -4.78 2.73
C PRO D 4 -0.58 -3.60 1.78
N ILE D 5 -1.69 -3.53 1.06
CA ILE D 5 -1.94 -2.66 -0.08
C ILE D 5 -2.95 -1.57 0.22
N SER D 6 -3.84 -1.79 1.19
CA SER D 6 -4.88 -0.87 1.63
C SER D 6 -4.96 -0.86 3.15
N PHE D 7 -5.48 0.25 3.69
CA PHE D 7 -5.44 0.59 5.10
C PHE D 7 -6.75 1.18 5.58
N TYR D 8 -6.84 1.59 6.84
CA TYR D 8 -8.06 1.98 7.50
C TYR D 8 -8.11 3.43 7.98
N CYS D 9 -7.17 4.26 7.52
CA CYS D 9 -6.51 5.28 8.30
C CYS D 9 -5.79 4.57 9.44
N GLY A 1 3.27 0.09 -9.13
CA GLY A 1 4.28 -0.91 -9.39
C GLY A 1 3.91 -2.33 -9.00
N GLY A 2 2.71 -2.58 -8.47
CA GLY A 2 2.36 -3.83 -7.81
C GLY A 2 2.36 -3.76 -6.29
N ALA A 3 2.82 -4.83 -5.64
CA ALA A 3 2.86 -4.97 -4.19
C ALA A 3 4.11 -5.66 -3.67
N GLY A 4 5.31 -5.08 -3.86
CA GLY A 4 6.60 -5.60 -3.48
C GLY A 4 7.33 -4.79 -2.42
N HIS A 5 8.65 -4.57 -2.57
CA HIS A 5 9.52 -4.19 -1.49
C HIS A 5 9.83 -2.70 -1.35
N VAL A 6 9.64 -1.89 -2.41
CA VAL A 6 9.91 -0.47 -2.42
C VAL A 6 8.71 0.33 -2.91
N PRO A 7 8.51 1.59 -2.51
CA PRO A 7 7.28 2.30 -2.79
C PRO A 7 7.10 2.71 -4.25
N GLU A 8 5.84 2.75 -4.69
CA GLU A 8 5.39 3.07 -6.03
C GLU A 8 4.30 4.13 -6.04
N TYR A 9 3.55 4.35 -4.95
CA TYR A 9 2.71 5.52 -4.79
C TYR A 9 3.10 6.25 -3.50
N PHE A 10 3.05 7.58 -3.52
CA PHE A 10 3.52 8.44 -2.45
C PHE A 10 2.66 9.67 -2.19
N VAL A 11 3.24 10.80 -1.78
CA VAL A 11 2.58 12.06 -1.50
C VAL A 11 1.99 12.68 -2.76
N ARG A 12 0.68 12.94 -2.71
CA ARG A 12 -0.13 13.69 -3.66
C ARG A 12 -1.15 14.51 -2.87
N CYS B 1 -1.93 10.13 6.57
CA CYS B 1 -1.58 10.68 5.25
C CYS B 1 -0.22 11.38 5.37
N GLY B 2 0.67 11.17 4.41
CA GLY B 2 2.06 11.58 4.45
C GLY B 2 3.09 10.47 4.31
N THR B 3 2.67 9.28 3.85
CA THR B 3 3.43 8.05 3.77
C THR B 3 3.11 7.31 2.48
N PRO B 4 3.92 6.35 2.02
CA PRO B 4 3.62 5.58 0.83
C PRO B 4 2.35 4.73 0.84
N ILE B 5 1.97 4.28 -0.35
CA ILE B 5 0.82 3.43 -0.61
C ILE B 5 1.31 2.20 -1.35
N SER B 6 1.02 1.99 -2.63
CA SER B 6 1.43 0.78 -3.34
C SER B 6 2.94 0.68 -3.52
N PHE B 7 3.43 -0.47 -3.98
CA PHE B 7 4.84 -0.80 -4.10
C PHE B 7 5.24 -1.30 -5.47
N TYR B 8 6.54 -1.50 -5.74
CA TYR B 8 7.04 -2.26 -6.87
C TYR B 8 7.26 -3.71 -6.47
N CYS B 9 6.69 -4.64 -7.23
CA CYS B 9 6.95 -6.07 -7.23
C CYS B 9 7.36 -6.53 -8.62
N GLY C 1 -7.18 1.91 2.24
CA GLY C 1 -7.68 2.99 1.42
C GLY C 1 -6.71 4.08 0.98
N GLY C 2 -5.50 4.13 1.53
CA GLY C 2 -4.56 5.21 1.33
C GLY C 2 -3.27 5.09 2.13
N ALA C 3 -2.94 6.14 2.89
CA ALA C 3 -1.62 6.34 3.46
C ALA C 3 -1.65 6.59 4.96
N GLY C 4 -1.17 5.65 5.78
CA GLY C 4 -1.11 5.82 7.21
C GLY C 4 -0.63 4.61 8.01
N HIS C 5 -0.93 4.62 9.32
CA HIS C 5 -0.35 3.89 10.42
C HIS C 5 -0.57 2.39 10.50
N VAL C 6 -1.50 1.83 9.71
CA VAL C 6 -1.85 0.43 9.66
C VAL C 6 -2.26 0.09 8.24
N PRO C 7 -2.14 -1.18 7.82
CA PRO C 7 -2.51 -1.62 6.49
C PRO C 7 -4.01 -1.58 6.23
N GLU C 8 -4.41 -1.77 4.97
CA GLU C 8 -5.77 -1.79 4.48
C GLU C 8 -6.07 -3.07 3.71
N TYR C 9 -5.43 -3.27 2.55
CA TYR C 9 -5.57 -4.42 1.67
C TYR C 9 -4.24 -5.02 1.24
N PHE C 10 -4.28 -6.32 0.91
CA PHE C 10 -3.11 -7.17 0.76
C PHE C 10 -3.20 -8.10 -0.44
N VAL C 11 -4.29 -8.84 -0.64
CA VAL C 11 -4.40 -9.91 -1.60
C VAL C 11 -5.74 -10.01 -2.32
N ARG C 12 -5.70 -10.03 -3.65
CA ARG C 12 -6.82 -10.29 -4.53
C ARG C 12 -6.37 -10.90 -5.85
N CYS D 1 6.97 -11.45 -3.26
CA CYS D 1 6.16 -10.24 -3.04
C CYS D 1 5.06 -10.54 -2.04
N GLY D 2 5.02 -9.76 -0.94
CA GLY D 2 4.14 -10.01 0.18
C GLY D 2 3.96 -8.78 1.05
N THR D 3 3.48 -7.67 0.48
CA THR D 3 3.42 -6.35 1.09
C THR D 3 2.05 -5.71 0.90
N PRO D 4 1.55 -4.91 1.85
CA PRO D 4 0.23 -4.32 1.69
C PRO D 4 0.16 -3.33 0.53
N ILE D 5 -0.98 -3.27 -0.16
CA ILE D 5 -1.20 -2.37 -1.28
C ILE D 5 -1.46 -0.94 -0.83
N SER D 6 -2.21 -0.78 0.27
CA SER D 6 -2.52 0.48 0.90
C SER D 6 -2.77 0.32 2.39
N PHE D 7 -3.02 1.46 3.04
CA PHE D 7 -3.08 1.69 4.47
C PHE D 7 -4.35 2.45 4.83
N TYR D 8 -4.62 2.73 6.11
CA TYR D 8 -5.65 3.68 6.49
C TYR D 8 -5.24 5.13 6.23
N CYS D 9 -6.17 6.08 6.18
CA CYS D 9 -5.93 7.48 6.44
C CYS D 9 -7.12 8.17 7.10
N GLY A 1 4.54 0.95 -9.13
CA GLY A 1 3.95 0.00 -10.06
C GLY A 1 4.22 -1.46 -9.71
N GLY A 2 3.60 -1.95 -8.63
CA GLY A 2 3.86 -3.26 -8.06
C GLY A 2 3.50 -3.41 -6.59
N ALA A 3 3.82 -4.58 -6.04
CA ALA A 3 3.73 -4.94 -4.63
C ALA A 3 5.01 -5.66 -4.23
N GLY A 4 5.85 -5.08 -3.38
CA GLY A 4 7.20 -5.55 -3.10
C GLY A 4 7.99 -4.76 -2.06
N HIS A 5 9.08 -4.13 -2.52
CA HIS A 5 10.26 -3.92 -1.72
C HIS A 5 10.84 -2.51 -1.65
N VAL A 6 10.29 -1.53 -2.39
CA VAL A 6 10.52 -0.11 -2.27
C VAL A 6 9.27 0.59 -2.77
N PRO A 7 8.93 1.80 -2.30
CA PRO A 7 7.65 2.42 -2.57
C PRO A 7 7.59 2.96 -3.99
N GLU A 8 6.38 3.05 -4.55
CA GLU A 8 6.01 3.64 -5.82
C GLU A 8 5.17 4.89 -5.63
N TYR A 9 3.85 4.74 -5.47
CA TYR A 9 2.97 5.83 -5.10
C TYR A 9 3.04 6.10 -3.61
N PHE A 10 4.02 6.93 -3.22
CA PHE A 10 4.12 7.71 -1.99
C PHE A 10 3.08 8.82 -1.95
N VAL A 11 3.15 9.74 -0.97
CA VAL A 11 2.23 10.84 -0.86
C VAL A 11 2.08 11.65 -2.14
N ARG A 12 0.84 12.03 -2.46
CA ARG A 12 0.33 12.68 -3.65
C ARG A 12 1.16 13.84 -4.18
N CYS B 1 -1.68 10.60 8.26
CA CYS B 1 -1.37 9.46 7.40
C CYS B 1 -0.66 9.98 6.15
N GLY B 2 0.47 9.39 5.75
CA GLY B 2 1.29 9.77 4.62
C GLY B 2 1.90 8.60 3.86
N THR B 3 1.44 7.40 4.19
CA THR B 3 1.93 6.12 3.68
C THR B 3 1.87 5.98 2.17
N PRO B 4 2.87 5.36 1.55
CA PRO B 4 2.72 4.80 0.22
C PRO B 4 1.68 3.69 0.17
N ILE B 5 1.12 3.42 -1.02
CA ILE B 5 0.28 2.27 -1.29
C ILE B 5 1.11 1.29 -2.10
N SER B 6 1.26 1.50 -3.41
CA SER B 6 2.02 0.62 -4.28
C SER B 6 3.52 0.74 -4.08
N PHE B 7 4.24 -0.27 -4.58
CA PHE B 7 5.66 -0.51 -4.54
C PHE B 7 6.22 -0.76 -5.92
N TYR B 8 7.54 -0.98 -6.00
CA TYR B 8 8.17 -1.79 -7.03
C TYR B 8 7.99 -3.27 -6.74
N CYS B 9 7.90 -4.09 -7.78
CA CYS B 9 8.25 -5.50 -7.75
C CYS B 9 9.38 -5.71 -8.75
N GLY C 1 -7.76 -0.19 3.07
CA GLY C 1 -8.20 0.91 2.24
C GLY C 1 -7.62 2.27 2.62
N GLY C 2 -6.63 2.69 1.83
CA GLY C 2 -5.92 3.94 1.94
C GLY C 2 -4.47 3.85 2.39
N ALA C 3 -3.85 5.00 2.67
CA ALA C 3 -2.70 5.09 3.57
C ALA C 3 -3.03 4.67 4.98
N GLY C 4 -2.05 4.53 5.87
CA GLY C 4 -2.30 4.35 7.30
C GLY C 4 -1.28 3.53 8.08
N HIS C 5 -1.60 3.34 9.36
CA HIS C 5 -0.75 2.75 10.39
C HIS C 5 -0.46 1.27 10.25
N VAL C 6 -1.44 0.46 9.81
CA VAL C 6 -1.42 -0.99 9.81
C VAL C 6 -2.18 -1.51 8.61
N PRO C 7 -1.81 -2.69 8.08
CA PRO C 7 -2.23 -3.11 6.76
C PRO C 7 -3.70 -3.51 6.65
N GLU C 8 -4.36 -3.11 5.56
CA GLU C 8 -5.69 -3.48 5.13
C GLU C 8 -5.69 -4.75 4.31
N TYR C 9 -4.66 -4.92 3.48
CA TYR C 9 -4.47 -6.11 2.66
C TYR C 9 -3.01 -6.51 2.82
N PHE C 10 -2.71 -7.53 3.63
CA PHE C 10 -1.40 -8.14 3.73
C PHE C 10 -0.97 -8.76 2.42
N VAL C 11 -1.96 -9.28 1.69
CA VAL C 11 -1.93 -9.60 0.28
C VAL C 11 -3.34 -9.51 -0.26
N ARG C 12 -3.51 -9.45 -1.58
CA ARG C 12 -4.78 -9.49 -2.27
C ARG C 12 -5.54 -10.80 -2.09
N CYS D 1 8.76 -10.50 -3.95
CA CYS D 1 7.60 -9.61 -4.10
C CYS D 1 6.49 -10.09 -3.18
N GLY D 2 5.85 -9.18 -2.43
CA GLY D 2 5.00 -9.47 -1.30
C GLY D 2 4.82 -8.26 -0.38
N THR D 3 4.40 -8.55 0.85
CA THR D 3 4.06 -7.56 1.85
C THR D 3 2.78 -6.80 1.52
N PRO D 4 2.12 -6.07 2.44
CA PRO D 4 0.93 -5.31 2.17
C PRO D 4 0.92 -4.40 0.97
N ILE D 5 -0.26 -3.85 0.63
CA ILE D 5 -0.41 -2.77 -0.32
C ILE D 5 -1.12 -1.57 0.27
N SER D 6 -2.39 -1.69 0.67
CA SER D 6 -3.12 -0.67 1.39
C SER D 6 -3.19 -0.93 2.89
N PHE D 7 -3.58 0.12 3.61
CA PHE D 7 -3.53 0.26 5.05
C PHE D 7 -4.80 0.85 5.65
N TYR D 8 -4.80 1.10 6.96
CA TYR D 8 -5.88 1.70 7.70
C TYR D 8 -5.48 3.02 8.35
N CYS D 9 -5.96 4.15 7.84
CA CYS D 9 -5.83 5.47 8.41
C CYS D 9 -6.94 5.77 9.41
N GLY A 1 1.74 -0.15 -9.31
CA GLY A 1 0.55 -0.93 -9.08
C GLY A 1 0.73 -2.38 -8.67
N GLY A 2 1.97 -2.81 -8.38
CA GLY A 2 2.31 -4.06 -7.74
C GLY A 2 2.48 -3.88 -6.24
N ALA A 3 3.12 -4.84 -5.56
CA ALA A 3 3.57 -4.70 -4.20
C ALA A 3 5.05 -5.04 -4.05
N GLY A 4 5.78 -4.53 -3.06
CA GLY A 4 7.22 -4.69 -3.07
C GLY A 4 7.97 -3.64 -2.26
N HIS A 5 9.00 -3.03 -2.87
CA HIS A 5 10.05 -2.27 -2.24
C HIS A 5 9.93 -0.76 -2.40
N VAL A 6 9.92 -0.21 -3.62
CA VAL A 6 9.87 1.21 -3.90
C VAL A 6 8.49 1.60 -4.44
N PRO A 7 7.96 2.79 -4.17
CA PRO A 7 6.55 3.05 -4.28
C PRO A 7 6.11 3.32 -5.73
N GLU A 8 4.85 3.00 -6.01
CA GLU A 8 4.10 3.23 -7.24
C GLU A 8 2.84 4.03 -7.00
N TYR A 9 2.16 3.83 -5.85
CA TYR A 9 1.23 4.79 -5.29
C TYR A 9 1.68 5.14 -3.88
N PHE A 10 2.13 6.38 -3.67
CA PHE A 10 2.46 6.94 -2.38
C PHE A 10 1.50 8.06 -2.04
N VAL A 11 1.85 9.04 -1.21
CA VAL A 11 1.10 10.28 -1.18
C VAL A 11 1.10 10.98 -2.53
N ARG A 12 -0.02 11.65 -2.83
CA ARG A 12 -0.30 12.46 -4.01
C ARG A 12 0.66 13.63 -4.17
N CYS B 1 -1.08 8.82 8.90
CA CYS B 1 -1.68 8.39 7.62
C CYS B 1 -0.88 8.98 6.46
N GLY B 2 0.07 8.20 5.91
CA GLY B 2 0.93 8.59 4.82
C GLY B 2 1.59 7.43 4.08
N THR B 3 1.11 6.21 4.31
CA THR B 3 1.56 4.93 3.81
C THR B 3 1.47 4.76 2.30
N PRO B 4 2.24 3.92 1.60
CA PRO B 4 1.95 3.55 0.23
C PRO B 4 0.64 2.78 0.07
N ILE B 5 0.18 2.66 -1.17
CA ILE B 5 -1.00 1.94 -1.62
C ILE B 5 -0.60 0.94 -2.68
N SER B 6 0.54 1.13 -3.33
CA SER B 6 1.13 0.19 -4.26
C SER B 6 2.62 0.47 -4.43
N PHE B 7 3.38 -0.50 -4.92
CA PHE B 7 4.80 -0.48 -5.19
C PHE B 7 5.10 -0.96 -6.60
N TYR B 8 6.35 -0.90 -7.06
CA TYR B 8 6.82 -1.77 -8.13
C TYR B 8 6.96 -3.22 -7.70
N CYS B 9 7.07 -4.11 -8.68
CA CYS B 9 7.16 -5.56 -8.57
C CYS B 9 7.96 -6.13 -9.73
N GLY C 1 -9.28 1.17 2.29
CA GLY C 1 -9.13 1.86 3.56
C GLY C 1 -8.27 3.12 3.50
N GLY C 2 -7.49 3.27 2.43
CA GLY C 2 -6.63 4.42 2.20
C GLY C 2 -5.16 4.15 2.50
N ALA C 3 -4.54 5.09 3.20
CA ALA C 3 -3.12 5.05 3.49
C ALA C 3 -2.79 5.33 4.96
N GLY C 4 -2.82 4.31 5.82
CA GLY C 4 -2.56 4.42 7.25
C GLY C 4 -2.03 3.17 7.92
N HIS C 5 -2.18 3.11 9.25
CA HIS C 5 -1.45 2.23 10.14
C HIS C 5 -1.92 0.79 10.27
N VAL C 6 -2.95 0.33 9.56
CA VAL C 6 -3.45 -1.03 9.58
C VAL C 6 -3.98 -1.44 8.21
N PRO C 7 -3.89 -2.69 7.77
CA PRO C 7 -4.18 -3.10 6.41
C PRO C 7 -5.66 -3.21 6.06
N GLU C 8 -6.13 -2.46 5.06
CA GLU C 8 -7.45 -2.54 4.49
C GLU C 8 -7.71 -3.88 3.81
N TYR C 9 -6.74 -4.35 3.03
CA TYR C 9 -6.70 -5.60 2.32
C TYR C 9 -5.32 -6.23 2.38
N PHE C 10 -5.25 -7.46 2.90
CA PHE C 10 -4.25 -8.44 2.52
C PHE C 10 -4.52 -8.95 1.12
N VAL C 11 -3.62 -9.79 0.60
CA VAL C 11 -3.60 -10.14 -0.81
C VAL C 11 -4.64 -11.22 -1.13
N ARG C 12 -5.50 -10.96 -2.12
CA ARG C 12 -6.31 -11.86 -2.91
C ARG C 12 -5.60 -13.11 -3.40
N CYS D 1 6.90 -9.48 -3.76
CA CYS D 1 5.59 -8.87 -4.02
C CYS D 1 4.48 -9.65 -3.33
N GLY D 2 4.09 -9.23 -2.12
CA GLY D 2 3.16 -9.96 -1.28
C GLY D 2 2.63 -9.16 -0.08
N THR D 3 2.65 -7.84 -0.19
CA THR D 3 2.19 -6.87 0.79
C THR D 3 0.68 -6.67 0.79
N PRO D 4 0.04 -6.38 1.92
CA PRO D 4 -1.25 -5.73 1.89
C PRO D 4 -1.21 -4.42 1.10
N ILE D 5 -2.36 -4.01 0.56
CA ILE D 5 -2.44 -3.09 -0.56
C ILE D 5 -2.71 -1.67 -0.09
N SER D 6 -3.96 -1.32 0.20
CA SER D 6 -4.33 -0.12 0.93
C SER D 6 -4.43 -0.40 2.41
N PHE D 7 -4.42 0.63 3.26
CA PHE D 7 -4.35 0.60 4.71
C PHE D 7 -5.29 1.61 5.35
N TYR D 8 -6.16 1.23 6.29
CA TYR D 8 -7.04 2.12 7.02
C TYR D 8 -6.26 3.17 7.81
N CYS D 9 -6.94 4.30 8.04
CA CYS D 9 -6.46 5.51 8.68
C CYS D 9 -7.40 5.89 9.81
N GLY A 1 1.38 0.53 -9.33
CA GLY A 1 2.10 -0.52 -10.02
C GLY A 1 1.55 -1.90 -9.71
N GLY A 2 1.61 -2.30 -8.44
CA GLY A 2 1.20 -3.57 -7.88
C GLY A 2 1.57 -3.67 -6.41
N ALA A 3 1.54 -4.88 -5.85
CA ALA A 3 2.29 -5.19 -4.65
C ALA A 3 3.77 -5.35 -4.95
N GLY A 4 4.66 -5.06 -4.00
CA GLY A 4 6.07 -4.94 -4.28
C GLY A 4 6.87 -4.22 -3.20
N HIS A 5 8.12 -3.84 -3.47
CA HIS A 5 9.08 -3.47 -2.45
C HIS A 5 9.56 -2.03 -2.46
N VAL A 6 9.16 -1.28 -3.49
CA VAL A 6 9.43 0.13 -3.70
C VAL A 6 8.19 0.87 -4.19
N PRO A 7 7.90 2.12 -3.86
CA PRO A 7 6.56 2.67 -3.96
C PRO A 7 6.24 3.19 -5.36
N GLU A 8 5.00 2.97 -5.77
CA GLU A 8 4.35 3.35 -7.02
C GLU A 8 3.21 4.33 -6.76
N TYR A 9 2.61 4.32 -5.57
CA TYR A 9 1.87 5.45 -5.05
C TYR A 9 2.27 5.71 -3.60
N PHE A 10 2.71 6.95 -3.38
CA PHE A 10 3.08 7.56 -2.12
C PHE A 10 1.99 8.53 -1.67
N VAL A 11 2.20 9.32 -0.62
CA VAL A 11 1.34 10.44 -0.28
C VAL A 11 1.65 11.61 -1.20
N ARG A 12 0.63 12.44 -1.47
CA ARG A 12 0.73 13.74 -2.12
C ARG A 12 0.10 14.81 -1.24
N CYS B 1 -1.70 7.14 8.47
CA CYS B 1 -2.49 7.84 7.45
C CYS B 1 -1.53 8.68 6.61
N GLY B 2 -1.86 8.92 5.34
CA GLY B 2 -1.06 9.75 4.47
C GLY B 2 0.26 9.09 4.10
N THR B 3 0.17 7.90 3.50
CA THR B 3 1.24 6.92 3.41
C THR B 3 1.44 6.39 1.99
N PRO B 4 2.50 5.60 1.76
CA PRO B 4 2.57 4.63 0.68
C PRO B 4 1.42 3.65 0.77
N ILE B 5 0.87 3.31 -0.40
CA ILE B 5 -0.26 2.40 -0.55
C ILE B 5 0.03 1.27 -1.54
N SER B 6 0.77 1.59 -2.61
CA SER B 6 1.03 0.68 -3.71
C SER B 6 2.45 0.82 -4.23
N PHE B 7 2.96 -0.20 -4.91
CA PHE B 7 4.37 -0.50 -5.09
C PHE B 7 4.69 -1.01 -6.48
N TYR B 8 5.96 -1.31 -6.77
CA TYR B 8 6.39 -2.04 -7.94
C TYR B 8 6.96 -3.41 -7.57
N CYS B 9 6.39 -4.49 -8.09
CA CYS B 9 6.97 -5.82 -8.09
C CYS B 9 8.34 -5.87 -8.77
N GLY C 1 -8.95 0.40 2.18
CA GLY C 1 -9.09 1.14 0.94
C GLY C 1 -8.36 2.46 0.80
N GLY C 2 -7.74 2.98 1.86
CA GLY C 2 -7.11 4.30 1.91
C GLY C 2 -5.63 4.27 2.24
N ALA C 3 -4.99 5.43 2.15
CA ALA C 3 -3.59 5.62 2.50
C ALA C 3 -3.51 5.72 4.01
N GLY C 4 -3.65 4.56 4.68
CA GLY C 4 -3.87 4.43 6.10
C GLY C 4 -2.59 4.16 6.88
N HIS C 5 -2.60 3.08 7.66
CA HIS C 5 -1.43 2.47 8.26
C HIS C 5 -1.63 1.02 8.68
N VAL C 6 -2.85 0.61 9.02
CA VAL C 6 -3.27 -0.76 9.27
C VAL C 6 -3.97 -1.33 8.04
N PRO C 7 -3.78 -2.60 7.69
CA PRO C 7 -4.15 -3.09 6.37
C PRO C 7 -5.64 -3.31 6.20
N GLU C 8 -6.12 -3.10 4.97
CA GLU C 8 -7.47 -3.20 4.44
C GLU C 8 -7.63 -4.23 3.33
N TYR C 9 -6.56 -4.49 2.58
CA TYR C 9 -6.39 -5.55 1.60
C TYR C 9 -4.98 -6.10 1.71
N PHE C 10 -4.83 -7.17 2.49
CA PHE C 10 -3.60 -7.95 2.58
C PHE C 10 -3.40 -8.74 1.30
N VAL C 11 -4.46 -9.24 0.67
CA VAL C 11 -4.50 -9.88 -0.64
C VAL C 11 -5.75 -9.42 -1.38
N ARG C 12 -5.63 -9.16 -2.68
CA ARG C 12 -6.74 -8.99 -3.59
C ARG C 12 -6.58 -9.71 -4.92
N CYS D 1 6.44 -10.93 -4.54
CA CYS D 1 5.48 -9.83 -4.73
C CYS D 1 4.14 -10.16 -4.12
N GLY D 2 3.98 -9.83 -2.83
CA GLY D 2 2.85 -10.11 -1.98
C GLY D 2 2.98 -9.39 -0.64
N THR D 3 2.50 -8.15 -0.55
CA THR D 3 2.20 -7.46 0.68
C THR D 3 0.82 -6.85 0.49
N PRO D 4 0.17 -6.35 1.54
CA PRO D 4 -0.95 -5.43 1.42
C PRO D 4 -0.80 -4.28 0.46
N ILE D 5 -1.94 -3.85 -0.10
CA ILE D 5 -2.08 -2.91 -1.18
C ILE D 5 -3.05 -1.77 -0.87
N SER D 6 -3.66 -1.80 0.32
CA SER D 6 -4.57 -0.79 0.84
C SER D 6 -4.67 -0.84 2.35
N PHE D 7 -5.02 0.29 3.00
CA PHE D 7 -5.00 0.45 4.44
C PHE D 7 -6.23 1.21 4.91
N TYR D 8 -6.40 1.55 6.19
CA TYR D 8 -7.67 2.04 6.68
C TYR D 8 -7.99 3.48 6.32
N CYS D 9 -7.31 4.47 6.91
CA CYS D 9 -7.74 5.85 7.04
C CYS D 9 -8.47 6.44 5.83
N GLY A 1 2.61 1.40 -9.01
CA GLY A 1 1.20 1.16 -9.25
C GLY A 1 0.62 -0.15 -8.74
N GLY A 2 1.41 -1.22 -8.70
CA GLY A 2 1.02 -2.57 -8.32
C GLY A 2 1.35 -2.88 -6.87
N ALA A 3 1.77 -4.13 -6.62
CA ALA A 3 1.98 -4.68 -5.30
C ALA A 3 3.27 -5.47 -5.18
N GLY A 4 4.22 -5.00 -4.38
CA GLY A 4 5.61 -5.40 -4.51
C GLY A 4 6.57 -4.75 -3.51
N HIS A 5 7.86 -5.06 -3.64
CA HIS A 5 8.81 -4.85 -2.56
C HIS A 5 9.30 -3.43 -2.34
N VAL A 6 9.04 -2.50 -3.27
CA VAL A 6 9.36 -1.10 -3.17
C VAL A 6 8.23 -0.20 -3.65
N PRO A 7 8.01 0.99 -3.08
CA PRO A 7 6.82 1.79 -3.30
C PRO A 7 6.75 2.54 -4.62
N GLU A 8 5.55 2.92 -5.05
CA GLU A 8 5.21 3.51 -6.33
C GLU A 8 4.03 4.48 -6.29
N TYR A 9 3.19 4.54 -5.25
CA TYR A 9 2.23 5.58 -4.98
C TYR A 9 2.21 5.94 -3.50
N PHE A 10 2.10 7.24 -3.22
CA PHE A 10 2.22 7.85 -1.92
C PHE A 10 1.02 8.70 -1.51
N VAL A 11 1.09 9.44 -0.40
CA VAL A 11 0.14 10.48 -0.06
C VAL A 11 -0.04 11.47 -1.20
N ARG A 12 -1.22 12.08 -1.32
CA ARG A 12 -1.50 13.07 -2.34
C ARG A 12 -0.67 14.32 -2.16
N CYS B 1 -1.35 7.84 8.54
CA CYS B 1 -2.07 8.12 7.30
C CYS B 1 -1.09 8.73 6.32
N GLY B 2 -1.01 8.20 5.09
CA GLY B 2 -0.11 8.62 4.03
C GLY B 2 1.10 7.75 3.68
N THR B 3 1.33 6.63 4.36
CA THR B 3 2.27 5.60 4.00
C THR B 3 2.02 5.09 2.59
N PRO B 4 3.03 4.77 1.76
CA PRO B 4 2.87 4.29 0.40
C PRO B 4 1.87 3.16 0.21
N ILE B 5 0.96 3.35 -0.74
CA ILE B 5 -0.27 2.60 -0.92
C ILE B 5 -0.23 1.69 -2.14
N SER B 6 0.80 1.83 -2.98
CA SER B 6 1.11 0.92 -4.06
C SER B 6 2.60 0.90 -4.37
N PHE B 7 3.02 -0.08 -5.17
CA PHE B 7 4.36 -0.59 -5.32
C PHE B 7 4.74 -0.91 -6.76
N TYR B 8 5.99 -1.32 -6.97
CA TYR B 8 6.37 -2.05 -8.17
C TYR B 8 6.08 -3.53 -7.98
N CYS B 9 6.93 -4.46 -8.44
CA CYS B 9 6.89 -5.86 -8.05
C CYS B 9 8.12 -6.16 -7.21
N GLY C 1 -9.09 -0.24 2.68
CA GLY C 1 -9.57 0.59 1.59
C GLY C 1 -9.22 2.07 1.60
N GLY C 2 -8.33 2.56 2.47
CA GLY C 2 -8.03 3.96 2.65
C GLY C 2 -6.56 4.30 2.87
N ALA C 3 -6.26 5.60 2.95
CA ALA C 3 -4.92 6.15 3.05
C ALA C 3 -4.38 6.21 4.46
N GLY C 4 -4.39 5.05 5.13
CA GLY C 4 -4.07 4.81 6.51
C GLY C 4 -2.74 4.14 6.82
N HIS C 5 -2.63 3.58 8.03
CA HIS C 5 -1.47 3.10 8.76
C HIS C 5 -1.64 1.71 9.36
N VAL C 6 -2.73 1.00 9.08
CA VAL C 6 -2.94 -0.42 9.34
C VAL C 6 -3.49 -1.10 8.11
N PRO C 7 -2.98 -2.22 7.63
CA PRO C 7 -3.19 -2.64 6.26
C PRO C 7 -4.58 -3.17 5.95
N GLU C 8 -4.98 -3.13 4.68
CA GLU C 8 -6.29 -3.48 4.15
C GLU C 8 -6.16 -4.08 2.75
N TYR C 9 -6.84 -5.20 2.54
CA TYR C 9 -6.78 -6.07 1.38
C TYR C 9 -5.38 -6.52 1.01
N PHE C 10 -4.95 -7.57 1.73
CA PHE C 10 -3.70 -8.24 1.46
C PHE C 10 -3.76 -9.07 0.18
N VAL C 11 -4.87 -9.75 -0.07
CA VAL C 11 -5.15 -10.50 -1.29
C VAL C 11 -6.48 -10.07 -1.89
N ARG C 12 -6.48 -9.76 -3.19
CA ARG C 12 -7.66 -9.53 -4.00
C ARG C 12 -7.64 -10.34 -5.29
N CYS D 1 7.33 -10.47 -4.81
CA CYS D 1 6.23 -9.50 -4.73
C CYS D 1 5.11 -10.12 -3.91
N GLY D 2 4.91 -9.70 -2.66
CA GLY D 2 3.90 -10.10 -1.69
C GLY D 2 3.59 -9.01 -0.67
N THR D 3 2.79 -8.02 -1.07
CA THR D 3 2.58 -6.80 -0.32
C THR D 3 1.12 -6.39 -0.29
N PRO D 4 0.56 -5.95 0.83
CA PRO D 4 -0.79 -5.43 0.90
C PRO D 4 -0.87 -4.11 0.14
N ILE D 5 -2.07 -3.58 -0.12
CA ILE D 5 -2.25 -2.41 -0.95
C ILE D 5 -2.73 -1.24 -0.09
N SER D 6 -4.03 -1.23 0.20
CA SER D 6 -4.66 -0.22 1.02
C SER D 6 -4.35 -0.32 2.51
N PHE D 7 -4.89 0.64 3.25
CA PHE D 7 -4.93 0.71 4.70
C PHE D 7 -6.32 1.12 5.15
N TYR D 8 -6.44 1.83 6.28
CA TYR D 8 -7.65 2.50 6.69
C TYR D 8 -7.43 4.00 6.82
N CYS D 9 -7.15 4.51 8.03
CA CYS D 9 -6.89 5.85 8.51
C CYS D 9 -7.88 6.17 9.62
N GLY A 1 2.14 0.14 -9.19
CA GLY A 1 1.50 -0.90 -9.96
C GLY A 1 2.09 -2.26 -9.63
N GLY A 2 1.33 -3.13 -8.95
CA GLY A 2 1.74 -4.44 -8.51
C GLY A 2 1.76 -4.56 -6.99
N ALA A 3 2.68 -5.38 -6.45
CA ALA A 3 2.90 -5.59 -5.03
C ALA A 3 4.34 -5.99 -4.77
N GLY A 4 5.00 -5.38 -3.79
CA GLY A 4 6.40 -5.63 -3.48
C GLY A 4 6.97 -4.72 -2.41
N HIS A 5 8.16 -4.16 -2.64
CA HIS A 5 9.05 -3.58 -1.66
C HIS A 5 9.59 -2.21 -2.04
N VAL A 6 8.97 -1.54 -3.02
CA VAL A 6 9.06 -0.11 -3.23
C VAL A 6 7.67 0.44 -3.52
N PRO A 7 7.26 1.58 -2.94
CA PRO A 7 5.95 2.14 -3.16
C PRO A 7 5.75 2.72 -4.55
N GLU A 8 4.62 2.40 -5.17
CA GLU A 8 4.10 3.03 -6.38
C GLU A 8 3.50 4.40 -6.09
N TYR A 9 2.93 4.60 -4.90
CA TYR A 9 2.35 5.85 -4.44
C TYR A 9 2.88 6.23 -3.07
N PHE A 10 3.91 7.07 -3.05
CA PHE A 10 4.42 7.77 -1.89
C PHE A 10 3.36 8.62 -1.20
N VAL A 11 2.50 9.25 -1.98
CA VAL A 11 1.36 10.07 -1.62
C VAL A 11 0.35 10.11 -2.76
N ARG A 12 -0.91 10.33 -2.39
CA ARG A 12 -1.98 10.52 -3.35
C ARG A 12 -2.99 11.58 -2.94
N CYS B 1 -3.72 11.16 6.91
CA CYS B 1 -3.54 9.79 6.40
C CYS B 1 -2.29 9.79 5.53
N GLY B 2 -1.23 9.13 6.03
CA GLY B 2 0.09 9.10 5.43
C GLY B 2 0.81 7.76 5.52
N THR B 3 2.13 7.79 5.32
CA THR B 3 2.98 6.71 4.85
C THR B 3 2.61 6.35 3.42
N PRO B 4 3.54 5.92 2.57
CA PRO B 4 3.17 5.41 1.26
C PRO B 4 2.08 4.36 1.29
N ILE B 5 1.37 4.20 0.17
CA ILE B 5 0.26 3.28 0.03
C ILE B 5 0.73 2.11 -0.84
N SER B 6 0.39 2.14 -2.12
CA SER B 6 0.46 1.07 -3.10
C SER B 6 1.90 0.82 -3.51
N PHE B 7 2.16 -0.29 -4.21
CA PHE B 7 3.49 -0.82 -4.46
C PHE B 7 3.75 -1.13 -5.92
N TYR B 8 5.03 -1.17 -6.31
CA TYR B 8 5.46 -1.78 -7.56
C TYR B 8 5.68 -3.28 -7.41
N CYS B 9 5.55 -4.04 -8.50
CA CYS B 9 6.15 -5.36 -8.57
C CYS B 9 7.54 -5.25 -9.17
N GLY C 1 -8.62 1.01 2.14
CA GLY C 1 -9.08 2.18 1.41
C GLY C 1 -8.50 3.46 2.00
N GLY C 2 -7.18 3.63 1.89
CA GLY C 2 -6.49 4.73 2.53
C GLY C 2 -5.00 4.53 2.76
N ALA C 3 -4.41 5.40 3.58
CA ALA C 3 -3.01 5.47 3.95
C ALA C 3 -2.91 5.51 5.47
N GLY C 4 -2.42 4.48 6.17
CA GLY C 4 -2.56 4.36 7.61
C GLY C 4 -1.94 3.13 8.25
N HIS C 5 -2.10 3.07 9.58
CA HIS C 5 -1.50 2.14 10.51
C HIS C 5 -2.08 0.74 10.53
N VAL C 6 -2.98 0.35 9.63
CA VAL C 6 -3.59 -0.95 9.43
C VAL C 6 -3.76 -1.17 7.94
N PRO C 7 -3.41 -2.34 7.39
CA PRO C 7 -3.62 -2.70 6.01
C PRO C 7 -5.07 -2.94 5.61
N GLU C 8 -5.39 -2.84 4.32
CA GLU C 8 -6.70 -2.93 3.71
C GLU C 8 -6.90 -4.26 2.99
N TYR C 9 -6.54 -4.37 1.71
CA TYR C 9 -6.40 -5.64 1.02
C TYR C 9 -5.02 -6.25 1.20
N PHE C 10 -4.90 -7.26 2.06
CA PHE C 10 -3.74 -8.14 2.12
C PHE C 10 -3.66 -8.99 0.86
N VAL C 11 -2.64 -9.85 0.78
CA VAL C 11 -2.29 -10.58 -0.42
C VAL C 11 -3.37 -11.62 -0.73
N ARG C 12 -3.77 -11.67 -2.01
CA ARG C 12 -4.90 -12.41 -2.52
C ARG C 12 -4.76 -13.93 -2.55
N CYS D 1 6.68 -10.83 -5.59
CA CYS D 1 5.64 -9.79 -5.65
C CYS D 1 4.40 -10.21 -4.88
N GLY D 2 4.20 -9.66 -3.68
CA GLY D 2 3.12 -9.99 -2.76
C GLY D 2 3.17 -9.22 -1.45
N THR D 3 2.32 -8.19 -1.34
CA THR D 3 2.31 -7.19 -0.28
C THR D 3 0.90 -6.66 -0.10
N PRO D 4 0.48 -6.15 1.06
CA PRO D 4 -0.77 -5.40 1.13
C PRO D 4 -0.82 -4.23 0.15
N ILE D 5 -2.02 -3.92 -0.32
CA ILE D 5 -2.22 -3.01 -1.43
C ILE D 5 -2.51 -1.58 -0.99
N SER D 6 -3.28 -1.40 0.07
CA SER D 6 -3.60 -0.15 0.74
C SER D 6 -3.78 -0.36 2.23
N PHE D 7 -4.16 0.73 2.92
CA PHE D 7 -4.33 0.82 4.36
C PHE D 7 -5.68 1.44 4.71
N TYR D 8 -5.97 1.71 5.98
CA TYR D 8 -7.09 2.51 6.42
C TYR D 8 -6.77 4.00 6.38
N CYS D 9 -7.72 4.88 6.73
CA CYS D 9 -7.54 6.30 6.94
C CYS D 9 -8.28 6.84 8.15
N GLY A 1 3.06 0.45 -6.74
CA GLY A 1 2.43 -0.53 -7.59
C GLY A 1 1.53 -1.52 -6.87
N GLY A 2 2.09 -2.60 -6.32
CA GLY A 2 1.43 -3.67 -5.61
C GLY A 2 2.02 -3.96 -4.24
N ALA A 3 2.68 -5.11 -4.01
CA ALA A 3 3.10 -5.62 -2.72
C ALA A 3 4.45 -6.32 -2.81
N GLY A 4 5.51 -5.82 -2.20
CA GLY A 4 6.90 -6.20 -2.45
C GLY A 4 7.94 -5.48 -1.61
N HIS A 5 9.21 -5.77 -1.90
CA HIS A 5 10.32 -5.34 -1.07
C HIS A 5 10.76 -3.89 -1.13
N VAL A 6 10.07 -3.03 -1.87
CA VAL A 6 10.34 -1.60 -1.96
C VAL A 6 9.04 -0.82 -1.97
N PRO A 7 8.85 0.23 -1.18
CA PRO A 7 7.62 1.01 -1.16
C PRO A 7 7.38 1.79 -2.46
N GLU A 8 6.12 2.12 -2.75
CA GLU A 8 5.60 2.87 -3.88
C GLU A 8 4.45 3.77 -3.47
N TYR A 9 4.27 4.88 -4.19
CA TYR A 9 3.19 5.84 -4.00
C TYR A 9 3.11 6.43 -2.60
N PHE A 10 4.19 7.11 -2.21
CA PHE A 10 4.35 8.00 -1.07
C PHE A 10 3.37 9.17 -1.08
N VAL A 11 3.52 10.08 -0.11
CA VAL A 11 3.01 11.43 -0.10
C VAL A 11 3.20 12.10 -1.45
N ARG A 12 2.17 12.77 -1.97
CA ARG A 12 2.22 13.47 -3.24
C ARG A 12 2.59 14.94 -3.14
N CYS B 1 -1.90 10.89 9.50
CA CYS B 1 -1.19 9.74 8.92
C CYS B 1 -0.57 10.16 7.59
N GLY B 2 0.33 9.33 7.05
CA GLY B 2 1.10 9.56 5.84
C GLY B 2 2.01 8.39 5.52
N THR B 3 1.77 7.65 4.43
CA THR B 3 2.35 6.36 4.16
C THR B 3 2.48 6.11 2.67
N PRO B 4 3.50 5.43 2.14
CA PRO B 4 3.42 4.80 0.84
C PRO B 4 2.25 3.84 0.76
N ILE B 5 1.42 4.02 -0.28
CA ILE B 5 0.14 3.35 -0.47
C ILE B 5 0.27 1.94 -1.03
N SER B 6 1.48 1.53 -1.44
CA SER B 6 1.76 0.26 -2.09
C SER B 6 3.26 -0.03 -2.06
N PHE B 7 3.72 -1.05 -2.78
CA PHE B 7 5.08 -1.49 -2.94
C PHE B 7 5.35 -1.95 -4.37
N TYR B 8 6.55 -2.44 -4.69
CA TYR B 8 6.87 -3.07 -5.97
C TYR B 8 6.44 -4.52 -6.02
N CYS B 9 7.37 -5.47 -6.15
CA CYS B 9 7.28 -6.90 -5.94
C CYS B 9 8.61 -7.41 -5.39
N GLY C 1 -7.38 0.55 4.73
CA GLY C 1 -7.55 1.75 3.94
C GLY C 1 -6.33 2.01 3.06
N GLY C 2 -5.93 3.27 2.96
CA GLY C 2 -4.77 3.73 2.20
C GLY C 2 -3.52 3.84 3.04
N ALA C 3 -3.38 4.98 3.72
CA ALA C 3 -2.27 5.30 4.61
C ALA C 3 -2.71 5.05 6.05
N GLY C 4 -1.74 4.96 6.98
CA GLY C 4 -2.00 4.67 8.37
C GLY C 4 -0.88 4.01 9.16
N HIS C 5 -1.16 3.89 10.46
CA HIS C 5 -0.26 3.37 11.47
C HIS C 5 0.01 1.88 11.35
N VAL C 6 -0.97 1.08 10.90
CA VAL C 6 -0.93 -0.37 10.92
C VAL C 6 -1.59 -0.97 9.68
N PRO C 7 -1.29 -2.21 9.30
CA PRO C 7 -1.71 -2.81 8.06
C PRO C 7 -3.22 -3.04 7.99
N GLU C 8 -3.86 -2.48 6.96
CA GLU C 8 -5.23 -2.78 6.59
C GLU C 8 -5.29 -4.11 5.86
N TYR C 9 -4.39 -4.29 4.89
CA TYR C 9 -4.35 -5.49 4.06
C TYR C 9 -2.97 -6.13 4.22
N PHE C 10 -2.91 -7.37 4.72
CA PHE C 10 -1.82 -8.31 4.64
C PHE C 10 -1.68 -9.03 3.30
N VAL C 11 -2.79 -9.31 2.63
CA VAL C 11 -2.89 -10.02 1.38
C VAL C 11 -4.01 -9.49 0.50
N ARG C 12 -3.95 -9.72 -0.82
CA ARG C 12 -5.00 -9.37 -1.76
C ARG C 12 -6.34 -10.05 -1.58
N CYS D 1 7.94 -11.87 -3.05
CA CYS D 1 7.09 -10.69 -2.87
C CYS D 1 6.12 -11.03 -1.75
N GLY D 2 6.05 -10.17 -0.73
CA GLY D 2 5.23 -10.37 0.45
C GLY D 2 4.98 -9.11 1.28
N THR D 3 4.60 -9.29 2.55
CA THR D 3 4.16 -8.28 3.50
C THR D 3 2.89 -7.55 3.08
N PRO D 4 2.26 -6.81 3.99
CA PRO D 4 1.16 -5.93 3.67
C PRO D 4 1.26 -5.02 2.45
N ILE D 5 0.15 -4.38 2.11
CA ILE D 5 -0.02 -3.48 0.98
C ILE D 5 -0.39 -2.08 1.45
N SER D 6 -1.48 -1.94 2.20
CA SER D 6 -2.16 -0.71 2.55
C SER D 6 -2.51 -0.69 4.03
N PHE D 7 -2.90 0.45 4.60
CA PHE D 7 -2.84 0.77 6.01
C PHE D 7 -4.13 1.37 6.57
N TYR D 8 -4.32 1.32 7.88
CA TYR D 8 -5.41 1.94 8.61
C TYR D 8 -4.95 3.16 9.39
N CYS D 9 -5.55 4.33 9.18
CA CYS D 9 -5.34 5.55 9.95
C CYS D 9 -6.33 5.62 11.10
N GLY A 1 3.49 1.84 -9.39
CA GLY A 1 2.48 1.26 -10.25
C GLY A 1 1.95 -0.14 -9.97
N GLY A 2 2.46 -0.86 -8.97
CA GLY A 2 2.23 -2.27 -8.71
C GLY A 2 2.10 -2.66 -7.24
N ALA A 3 2.22 -3.95 -6.93
CA ALA A 3 1.82 -4.58 -5.68
C ALA A 3 2.94 -5.25 -4.90
N GLY A 4 4.20 -5.00 -5.23
CA GLY A 4 5.40 -5.42 -4.53
C GLY A 4 5.84 -4.42 -3.46
N HIS A 5 7.16 -4.27 -3.36
CA HIS A 5 7.76 -4.14 -2.05
C HIS A 5 8.68 -2.95 -1.85
N VAL A 6 8.61 -1.94 -2.73
CA VAL A 6 9.13 -0.59 -2.58
C VAL A 6 8.09 0.41 -3.05
N PRO A 7 8.02 1.64 -2.52
CA PRO A 7 6.95 2.55 -2.88
C PRO A 7 6.96 2.95 -4.35
N GLU A 8 5.82 3.38 -4.90
CA GLU A 8 5.69 4.05 -6.18
C GLU A 8 4.93 5.35 -6.06
N TYR A 9 3.78 5.36 -5.37
CA TYR A 9 2.96 6.50 -5.04
C TYR A 9 2.88 6.66 -3.52
N PHE A 10 3.72 7.51 -2.94
CA PHE A 10 3.69 7.89 -1.54
C PHE A 10 2.38 8.57 -1.17
N VAL A 11 1.77 9.33 -2.08
CA VAL A 11 0.51 10.04 -1.96
C VAL A 11 -0.22 9.93 -3.29
N ARG A 12 -1.43 10.50 -3.41
CA ARG A 12 -2.10 10.91 -4.63
C ARG A 12 -2.73 12.28 -4.53
N CYS B 1 -0.76 9.76 8.83
CA CYS B 1 -0.92 8.84 7.69
C CYS B 1 -0.13 9.32 6.47
N GLY B 2 0.77 8.52 5.92
CA GLY B 2 1.54 8.78 4.72
C GLY B 2 1.87 7.52 3.93
N THR B 3 0.95 6.54 3.89
CA THR B 3 1.15 5.16 3.47
C THR B 3 0.88 5.03 1.97
N PRO B 4 1.80 4.51 1.17
CA PRO B 4 1.59 4.19 -0.23
C PRO B 4 0.62 3.04 -0.41
N ILE B 5 -0.24 3.19 -1.42
CA ILE B 5 -1.16 2.16 -1.91
C ILE B 5 -0.56 1.39 -3.08
N SER B 6 0.34 2.04 -3.81
CA SER B 6 1.04 1.47 -4.94
C SER B 6 2.56 1.52 -4.87
N PHE B 7 3.17 0.43 -5.34
CA PHE B 7 4.55 0.02 -5.19
C PHE B 7 5.22 -0.21 -6.53
N TYR B 8 6.46 -0.69 -6.53
CA TYR B 8 6.96 -1.46 -7.65
C TYR B 8 6.51 -2.91 -7.53
N CYS B 9 6.86 -3.77 -8.49
CA CYS B 9 6.71 -5.20 -8.41
C CYS B 9 7.97 -5.90 -8.87
N GLY C 1 -10.03 -0.07 3.21
CA GLY C 1 -10.09 0.90 2.15
C GLY C 1 -9.65 2.26 2.64
N GLY C 2 -8.52 2.79 2.16
CA GLY C 2 -7.85 3.93 2.73
C GLY C 2 -6.34 3.80 2.76
N ALA C 3 -5.70 4.79 3.39
CA ALA C 3 -4.27 5.05 3.31
C ALA C 3 -3.72 5.32 4.69
N GLY C 4 -3.13 4.31 5.33
CA GLY C 4 -2.49 4.46 6.63
C GLY C 4 -1.83 3.20 7.17
N HIS C 5 -1.42 3.36 8.43
CA HIS C 5 -0.53 2.52 9.21
C HIS C 5 -1.08 1.16 9.60
N VAL C 6 -2.28 0.71 9.22
CA VAL C 6 -2.81 -0.63 9.45
C VAL C 6 -3.54 -1.17 8.24
N PRO C 7 -3.35 -2.44 7.87
CA PRO C 7 -3.90 -2.99 6.66
C PRO C 7 -5.41 -3.21 6.69
N GLU C 8 -6.06 -3.06 5.54
CA GLU C 8 -7.42 -3.40 5.18
C GLU C 8 -7.50 -4.51 4.14
N TYR C 9 -6.53 -4.53 3.22
CA TYR C 9 -6.35 -5.52 2.18
C TYR C 9 -4.95 -6.10 2.22
N PHE C 10 -4.78 -7.21 2.94
CA PHE C 10 -3.55 -7.98 3.04
C PHE C 10 -3.29 -8.89 1.85
N VAL C 11 -2.22 -9.69 1.86
CA VAL C 11 -1.88 -10.63 0.82
C VAL C 11 -3.01 -11.62 0.54
N ARG C 12 -3.66 -11.51 -0.62
CA ARG C 12 -4.94 -12.10 -0.94
C ARG C 12 -4.97 -13.62 -0.95
N CYS D 1 5.32 -10.33 -5.23
CA CYS D 1 4.58 -9.07 -5.15
C CYS D 1 3.35 -9.27 -4.29
N GLY D 2 3.53 -9.19 -2.97
CA GLY D 2 2.63 -9.67 -1.94
C GLY D 2 2.40 -8.73 -0.78
N THR D 3 2.60 -7.42 -0.95
CA THR D 3 2.41 -6.41 0.07
C THR D 3 0.93 -6.14 0.33
N PRO D 4 0.50 -5.68 1.51
CA PRO D 4 -0.82 -5.12 1.68
C PRO D 4 -1.00 -3.89 0.80
N ILE D 5 -2.21 -3.65 0.30
CA ILE D 5 -2.49 -2.74 -0.78
C ILE D 5 -3.35 -1.56 -0.34
N SER D 6 -4.29 -1.84 0.56
CA SER D 6 -5.17 -0.84 1.15
C SER D 6 -5.20 -0.99 2.67
N PHE D 7 -5.63 0.08 3.34
CA PHE D 7 -5.39 0.32 4.75
C PHE D 7 -6.58 0.92 5.48
N TYR D 8 -6.47 1.12 6.79
CA TYR D 8 -7.23 2.17 7.47
C TYR D 8 -6.32 3.34 7.79
N CYS D 9 -6.89 4.46 8.27
CA CYS D 9 -6.24 5.64 8.80
C CYS D 9 -7.03 6.23 9.95
N GLY A 1 4.00 1.47 -9.86
CA GLY A 1 3.04 0.68 -10.61
C GLY A 1 2.54 -0.67 -10.07
N GLY A 2 3.04 -1.14 -8.93
CA GLY A 2 2.80 -2.45 -8.38
C GLY A 2 2.72 -2.46 -6.86
N ALA A 3 2.95 -3.62 -6.22
CA ALA A 3 3.14 -3.76 -4.79
C ALA A 3 4.46 -4.44 -4.49
N GLY A 4 5.33 -3.75 -3.73
CA GLY A 4 6.76 -3.98 -3.68
C GLY A 4 7.40 -3.46 -2.41
N HIS A 5 8.72 -3.27 -2.41
CA HIS A 5 9.51 -2.88 -1.27
C HIS A 5 10.09 -1.47 -1.39
N VAL A 6 9.86 -0.76 -2.49
CA VAL A 6 10.22 0.62 -2.75
C VAL A 6 9.11 1.34 -3.49
N PRO A 7 8.92 2.64 -3.29
CA PRO A 7 7.71 3.29 -3.74
C PRO A 7 7.64 3.55 -5.24
N GLU A 8 6.41 3.73 -5.72
CA GLU A 8 6.04 4.22 -7.04
C GLU A 8 5.02 5.34 -6.88
N TYR A 9 4.12 5.24 -5.90
CA TYR A 9 3.48 6.38 -5.25
C TYR A 9 3.86 6.41 -3.77
N PHE A 10 4.67 7.40 -3.41
CA PHE A 10 4.85 7.95 -2.08
C PHE A 10 3.63 8.76 -1.66
N VAL A 11 3.78 9.76 -0.79
CA VAL A 11 2.71 10.71 -0.56
C VAL A 11 2.19 11.34 -1.86
N ARG A 12 0.92 11.76 -1.89
CA ARG A 12 0.35 12.42 -3.05
C ARG A 12 1.00 13.73 -3.45
N CYS B 1 -0.57 9.74 8.43
CA CYS B 1 -1.37 10.30 7.34
C CYS B 1 -0.47 10.85 6.23
N GLY B 2 -0.51 10.25 5.04
CA GLY B 2 0.41 10.55 3.95
C GLY B 2 1.53 9.53 3.87
N THR B 3 1.43 8.51 2.99
CA THR B 3 2.32 7.37 2.97
C THR B 3 2.26 6.72 1.60
N PRO B 4 3.27 5.94 1.23
CA PRO B 4 3.22 5.18 -0.01
C PRO B 4 2.15 4.10 -0.04
N ILE B 5 1.42 4.03 -1.15
CA ILE B 5 0.44 3.02 -1.49
C ILE B 5 0.99 2.08 -2.56
N SER B 6 1.57 2.65 -3.62
CA SER B 6 2.01 1.92 -4.79
C SER B 6 3.53 1.87 -4.84
N PHE B 7 4.08 0.80 -5.41
CA PHE B 7 5.48 0.40 -5.35
C PHE B 7 5.96 -0.09 -6.71
N TYR B 8 7.19 -0.59 -6.79
CA TYR B 8 7.61 -1.53 -7.82
C TYR B 8 7.04 -2.90 -7.52
N CYS B 9 7.53 -3.96 -8.17
CA CYS B 9 7.69 -5.25 -7.53
C CYS B 9 9.00 -5.91 -7.92
N GLY C 1 -8.08 1.44 3.92
CA GLY C 1 -8.44 2.53 3.03
C GLY C 1 -7.89 3.87 3.50
N GLY C 2 -6.70 4.22 3.01
CA GLY C 2 -5.97 5.41 3.43
C GLY C 2 -4.47 5.20 3.25
N ALA C 3 -3.68 6.14 3.77
CA ALA C 3 -2.24 6.23 3.68
C ALA C 3 -1.62 6.57 5.02
N GLY C 4 -1.09 5.54 5.70
CA GLY C 4 -0.60 5.67 7.05
C GLY C 4 0.15 4.45 7.57
N HIS C 5 0.46 4.44 8.87
CA HIS C 5 1.43 3.60 9.54
C HIS C 5 1.09 2.12 9.58
N VAL C 6 -0.14 1.69 9.31
CA VAL C 6 -0.65 0.36 9.56
C VAL C 6 -1.67 -0.08 8.52
N PRO C 7 -1.67 -1.35 8.13
CA PRO C 7 -2.38 -1.77 6.94
C PRO C 7 -3.90 -1.81 7.07
N GLU C 8 -4.57 -1.70 5.92
CA GLU C 8 -5.98 -2.00 5.71
C GLU C 8 -6.16 -3.22 4.81
N TYR C 9 -5.38 -3.33 3.74
CA TYR C 9 -5.37 -4.43 2.79
C TYR C 9 -4.00 -5.08 2.69
N PHE C 10 -3.84 -6.34 3.11
CA PHE C 10 -2.69 -7.18 2.93
C PHE C 10 -2.46 -7.56 1.47
N VAL C 11 -1.52 -8.47 1.19
CA VAL C 11 -1.35 -9.21 -0.04
C VAL C 11 -2.64 -9.74 -0.67
N ARG C 12 -2.66 -9.77 -2.01
CA ARG C 12 -3.79 -10.07 -2.86
C ARG C 12 -4.32 -11.49 -2.76
N CYS D 1 7.79 -10.20 -3.29
CA CYS D 1 6.60 -9.34 -3.17
C CYS D 1 5.52 -10.02 -2.33
N GLY D 2 4.75 -9.24 -1.57
CA GLY D 2 3.79 -9.62 -0.55
C GLY D 2 3.44 -8.49 0.39
N THR D 3 3.68 -7.22 0.05
CA THR D 3 3.42 -6.02 0.82
C THR D 3 1.93 -5.72 0.82
N PRO D 4 1.38 -5.08 1.86
CA PRO D 4 0.07 -4.47 1.80
C PRO D 4 -0.09 -3.39 0.74
N ILE D 5 -1.30 -2.98 0.39
CA ILE D 5 -1.67 -2.11 -0.71
C ILE D 5 -2.59 -0.97 -0.30
N SER D 6 -3.03 -0.96 0.95
CA SER D 6 -3.72 0.19 1.52
C SER D 6 -3.54 0.18 3.03
N PHE D 7 -3.74 1.33 3.67
CA PHE D 7 -3.52 1.60 5.08
C PHE D 7 -4.71 2.19 5.79
N TYR D 8 -4.59 2.41 7.10
CA TYR D 8 -5.36 3.45 7.76
C TYR D 8 -4.68 4.79 7.56
N CYS D 9 -5.23 5.85 8.17
CA CYS D 9 -4.63 7.17 8.31
C CYS D 9 -4.57 7.54 9.79
#